data_9EBU
#
_entry.id   9EBU
#
_cell.length_a   1.00
_cell.length_b   1.00
_cell.length_c   1.00
_cell.angle_alpha   90.00
_cell.angle_beta   90.00
_cell.angle_gamma   90.00
#
_symmetry.space_group_name_H-M   'P 1'
#
loop_
_entity.id
_entity.type
_entity.pdbx_description
1 polymer EsCas13d
2 polymer crRNA
3 non-polymer 'MAGNESIUM ION'
#
loop_
_entity_poly.entity_id
_entity_poly.type
_entity_poly.pdbx_seq_one_letter_code
_entity_poly.pdbx_strand_id
1 'polypeptide(L)'
;MGKKIHARDLREQRKTDRTEKFADQNKKREAERAVPKKDAAVSVKSVSSVSSKKDNVTKSMAKAAGVKSVFAVGNTVYMT
SFGRGNDAVLEQKIVDTSHEPLNIDDPAYQLNVVTMNGYSVTGHRGETVSAVTDNPLRRFNGRKKDEPEQSVPTDMLCLK
PTLEKKFFGKEFDDNIHIQLIYNILDIEKILAVYSTNAIYALNNMSADENIENSDFFMKRTTDETFDDFEKKKESTNSRE
KADFDAFEKFIGNYRLAYFADAFYVNKKNPKGKAKNVLREDKELYSVLTLIGKLRHWCVHSEEGRAEFWLYKLDELKDDF
KNVLDVVYNRPVEEINNRFIENNKVNIQILGSVYKNTDIAELVRSYYEFLITKKYKNMGFSIKKLRESMLEGKGYADKEY
DSVRNKLYQMTDFILYTGYINEDSDRADDLVNTLRSSLKEDDKTTVYCKEADYLWKKYRESIREVADALDGDNIKKLSKS
NIEIQEDKLRKCFISYADSVSEFTKLIYLLTRFLSGKEINDLVTTLINKFDNIRSFLEIMDELGLDRTFTAEYSFFEGST
KYLAELVELNSFVKSCSFDINAKRTMYRDALDILGIESDKTEEDIEKMIDNILQIDANGDKKLKKNNGLRNFIASNVIDS
NRFKYLVRYGNPKKIRETAKCKPAVRFVLNEIPDAQIERYYEACCPKNTALCSANKRREKLADMIAEIKFENFSDAGNYQ
KANVTSRTSEAEIKRKNQAIIRLYLTVMYIMLKNLVNVNARYVIAFHCVERDTKLYAESGLEVGNIEKNKTNLTMAVMGV
KLENGIIKTEFDKSFAENAANRYLRNARWYKLILDNLKKSERAVVNEFRNTVCHLNAIRNININIKEIKEVENYFALYHY
LIQKHLENRFADKKVERDTGDFISKLEEHKTYCKDFVKAYCTPFGYNLVRYKNLTIDGLFDKNYPGKDDSDEQK
;
A
2 'polyribonucleotide' CACCCGUGCAAAAAUGCAGGGGUCUAAAACUGAGCGGAUAACCUCUCUAUGG B
#
# COMPACT_ATOMS: atom_id res chain seq x y z
N THR A 58 -16.10 11.02 -19.18
CA THR A 58 -15.36 9.81 -18.87
C THR A 58 -15.68 9.30 -17.47
N LYS A 59 -15.78 10.22 -16.51
CA LYS A 59 -16.12 9.85 -15.15
C LYS A 59 -17.63 9.72 -15.00
N SER A 60 -18.04 9.14 -13.87
CA SER A 60 -19.46 8.91 -13.63
C SER A 60 -20.21 10.22 -13.50
N MET A 61 -21.30 10.35 -14.26
CA MET A 61 -22.16 11.52 -14.14
C MET A 61 -23.01 11.47 -12.88
N ALA A 62 -23.37 10.27 -12.42
CA ALA A 62 -24.15 10.15 -11.20
C ALA A 62 -23.39 10.70 -10.00
N LYS A 63 -22.11 10.37 -9.91
CA LYS A 63 -21.28 10.94 -8.85
C LYS A 63 -21.15 12.45 -9.01
N ALA A 64 -20.99 12.92 -10.24
CA ALA A 64 -20.92 14.36 -10.48
C ALA A 64 -22.24 15.03 -10.12
N ALA A 65 -23.36 14.40 -10.43
CA ALA A 65 -24.65 14.94 -10.02
C ALA A 65 -24.85 14.92 -8.52
N GLY A 66 -24.00 14.20 -7.79
CA GLY A 66 -24.07 14.14 -6.36
C GLY A 66 -24.64 12.86 -5.79
N VAL A 67 -24.90 11.86 -6.61
CA VAL A 67 -25.51 10.62 -6.15
C VAL A 67 -24.41 9.81 -5.45
N LYS A 68 -24.35 9.93 -4.13
CA LYS A 68 -23.37 9.17 -3.37
C LYS A 68 -23.59 7.68 -3.53
N SER A 69 -24.84 7.24 -3.37
CA SER A 69 -25.19 5.84 -3.54
C SER A 69 -26.67 5.75 -3.87
N VAL A 70 -27.06 4.60 -4.38
CA VAL A 70 -28.46 4.25 -4.59
C VAL A 70 -28.66 2.93 -3.86
N PHE A 71 -29.07 3.00 -2.60
CA PHE A 71 -29.27 1.81 -1.81
C PHE A 71 -30.59 1.15 -2.17
N ALA A 72 -30.95 0.12 -1.42
CA ALA A 72 -32.18 -0.62 -1.65
C ALA A 72 -32.54 -1.36 -0.39
N VAL A 73 -33.61 -0.95 0.28
CA VAL A 73 -34.07 -1.58 1.51
C VAL A 73 -35.51 -2.02 1.27
N GLY A 74 -35.75 -3.33 1.28
CA GLY A 74 -37.07 -3.84 0.96
C GLY A 74 -37.48 -3.43 -0.44
N ASN A 75 -38.71 -2.94 -0.57
CA ASN A 75 -39.18 -2.43 -1.85
C ASN A 75 -38.79 -0.99 -2.10
N THR A 76 -38.22 -0.31 -1.12
CA THR A 76 -37.84 1.09 -1.24
C THR A 76 -36.39 1.21 -1.68
N VAL A 77 -36.09 2.35 -2.29
CA VAL A 77 -34.73 2.66 -2.75
C VAL A 77 -34.34 4.01 -2.16
N TYR A 78 -33.22 4.03 -1.46
CA TYR A 78 -32.72 5.24 -0.81
C TYR A 78 -31.53 5.77 -1.59
N MET A 79 -31.66 6.98 -2.11
CA MET A 79 -30.56 7.68 -2.76
C MET A 79 -29.89 8.59 -1.75
N THR A 80 -28.57 8.48 -1.65
CA THR A 80 -27.79 9.30 -0.74
C THR A 80 -26.88 10.23 -1.52
N SER A 81 -26.45 11.29 -0.85
CA SER A 81 -25.65 12.32 -1.47
C SER A 81 -24.37 12.54 -0.68
N PHE A 82 -23.48 13.35 -1.25
CA PHE A 82 -22.18 13.58 -0.66
C PHE A 82 -22.26 14.66 0.42
N GLY A 83 -21.76 14.33 1.59
CA GLY A 83 -21.60 15.27 2.68
C GLY A 83 -20.19 15.80 2.78
N ARG A 84 -19.76 16.05 4.02
CA ARG A 84 -18.40 16.50 4.28
C ARG A 84 -17.45 15.33 4.05
N GLY A 85 -16.72 15.37 2.93
CA GLY A 85 -15.80 14.30 2.60
C GLY A 85 -16.51 13.05 2.13
N ASN A 86 -16.52 12.01 2.94
CA ASN A 86 -17.17 10.75 2.60
C ASN A 86 -18.49 10.57 3.36
N ASP A 87 -18.84 11.51 4.24
CA ASP A 87 -20.12 11.43 4.94
C ASP A 87 -21.26 11.36 3.94
N ALA A 88 -22.17 10.41 4.16
CA ALA A 88 -23.32 10.21 3.28
C ALA A 88 -24.57 10.63 4.02
N VAL A 89 -25.33 11.54 3.42
CA VAL A 89 -26.60 12.01 3.98
C VAL A 89 -27.71 11.54 3.06
N LEU A 90 -28.78 11.03 3.66
CA LEU A 90 -29.91 10.54 2.89
C LEU A 90 -30.51 11.69 2.09
N GLU A 91 -30.80 11.42 0.82
CA GLU A 91 -31.40 12.43 -0.05
C GLU A 91 -32.83 12.09 -0.44
N GLN A 92 -33.07 10.92 -1.03
CA GLN A 92 -34.40 10.58 -1.50
C GLN A 92 -34.69 9.11 -1.20
N LYS A 93 -35.96 8.82 -0.92
CA LYS A 93 -36.44 7.45 -0.83
C LYS A 93 -37.42 7.22 -1.97
N ILE A 94 -37.21 6.14 -2.72
CA ILE A 94 -37.96 5.84 -3.92
C ILE A 94 -38.75 4.56 -3.68
N VAL A 95 -40.07 4.64 -3.81
CA VAL A 95 -40.95 3.49 -3.62
C VAL A 95 -41.85 3.40 -4.85
N ASP A 96 -41.42 2.63 -5.84
CA ASP A 96 -42.26 2.26 -7.00
C ASP A 96 -42.77 3.51 -7.73
N THR A 97 -41.83 4.20 -8.37
CA THR A 97 -42.05 5.40 -9.16
C THR A 97 -42.58 6.57 -8.34
N SER A 98 -42.37 6.57 -7.03
CA SER A 98 -42.65 7.72 -6.18
C SER A 98 -41.40 8.08 -5.40
N HIS A 99 -41.05 9.37 -5.41
CA HIS A 99 -39.88 9.85 -4.69
C HIS A 99 -40.31 10.79 -3.58
N GLU A 100 -39.87 10.49 -2.36
CA GLU A 100 -40.15 11.34 -1.22
C GLU A 100 -38.88 12.11 -0.87
N PRO A 101 -38.85 13.42 -1.08
CA PRO A 101 -37.60 14.17 -0.84
C PRO A 101 -37.24 14.27 0.63
N LEU A 102 -36.17 13.58 1.02
CA LEU A 102 -35.49 13.86 2.27
C LEU A 102 -34.43 14.94 2.04
N ASN A 103 -33.88 15.46 3.13
CA ASN A 103 -32.89 16.52 3.07
C ASN A 103 -33.42 17.68 2.22
N ILE A 104 -34.51 18.27 2.72
CA ILE A 104 -35.22 19.28 1.93
C ILE A 104 -34.38 20.54 1.77
N ASP A 105 -33.76 21.00 2.85
CA ASP A 105 -32.90 22.17 2.80
C ASP A 105 -31.52 21.76 2.31
N ASP A 106 -31.01 22.47 1.30
CA ASP A 106 -29.75 22.16 0.65
C ASP A 106 -29.77 20.73 0.10
N PRO A 107 -30.54 20.46 -0.95
CA PRO A 107 -30.48 19.15 -1.59
C PRO A 107 -29.37 19.10 -2.63
N ALA A 108 -28.54 18.06 -2.59
CA ALA A 108 -27.42 17.98 -3.52
C ALA A 108 -27.88 17.81 -4.95
N TYR A 109 -29.05 17.21 -5.15
CA TYR A 109 -29.56 16.95 -6.49
C TYR A 109 -31.06 16.76 -6.41
N GLN A 110 -31.76 17.26 -7.43
CA GLN A 110 -33.18 16.98 -7.61
C GLN A 110 -33.35 15.91 -8.68
N LEU A 111 -34.38 15.10 -8.52
CA LEU A 111 -34.64 14.00 -9.46
C LEU A 111 -35.94 14.31 -10.19
N ASN A 112 -35.79 14.79 -11.43
CA ASN A 112 -36.90 15.37 -12.17
C ASN A 112 -37.86 14.33 -12.76
N VAL A 113 -37.45 13.07 -12.85
CA VAL A 113 -38.36 12.01 -13.29
C VAL A 113 -37.89 10.67 -12.76
N VAL A 114 -38.82 9.89 -12.22
CA VAL A 114 -38.54 8.59 -11.66
C VAL A 114 -39.27 7.54 -12.48
N THR A 115 -38.51 6.63 -13.06
CA THR A 115 -39.06 5.45 -13.71
C THR A 115 -38.71 4.22 -12.89
N MET A 116 -39.40 3.12 -13.18
CA MET A 116 -39.08 1.88 -12.49
C MET A 116 -37.70 1.36 -12.85
N ASN A 117 -37.12 1.80 -13.97
CA ASN A 117 -35.82 1.32 -14.43
C ASN A 117 -34.82 2.45 -14.62
N GLY A 118 -35.00 3.58 -13.94
CA GLY A 118 -34.06 4.67 -14.05
C GLY A 118 -34.46 5.93 -13.31
N TYR A 119 -33.51 6.54 -12.61
CA TYR A 119 -33.74 7.75 -11.83
C TYR A 119 -32.94 8.88 -12.45
N SER A 120 -33.62 9.79 -13.14
CA SER A 120 -32.94 10.92 -13.75
C SER A 120 -32.70 11.98 -12.69
N VAL A 121 -31.44 12.38 -12.53
CA VAL A 121 -31.01 13.28 -11.47
C VAL A 121 -30.15 14.37 -12.08
N THR A 122 -30.48 15.62 -11.78
CA THR A 122 -29.65 16.76 -12.17
C THR A 122 -29.02 17.38 -10.94
N GLY A 123 -27.78 17.86 -11.10
CA GLY A 123 -26.97 18.26 -9.97
C GLY A 123 -27.13 19.71 -9.59
N HIS A 124 -27.40 19.95 -8.30
CA HIS A 124 -27.43 21.31 -7.79
C HIS A 124 -26.03 21.82 -7.51
N ARG A 125 -25.28 21.09 -6.68
CA ARG A 125 -23.95 21.51 -6.30
C ARG A 125 -22.99 21.47 -7.49
N GLY A 126 -22.07 22.43 -7.52
CA GLY A 126 -21.11 22.47 -8.60
C GLY A 126 -21.79 22.80 -9.91
N GLU A 127 -21.17 22.34 -11.00
CA GLU A 127 -21.78 22.49 -12.31
C GLU A 127 -23.05 21.67 -12.40
N THR A 128 -24.09 22.25 -13.00
CA THR A 128 -25.40 21.62 -13.05
C THR A 128 -25.38 20.49 -14.08
N VAL A 129 -24.92 19.33 -13.63
CA VAL A 129 -24.85 18.15 -14.50
C VAL A 129 -26.05 17.25 -14.20
N SER A 130 -26.56 16.62 -15.25
CA SER A 130 -27.70 15.73 -15.17
C SER A 130 -27.25 14.29 -15.39
N ALA A 131 -27.82 13.37 -14.63
CA ALA A 131 -27.42 11.97 -14.69
C ALA A 131 -28.64 11.08 -14.57
N VAL A 132 -28.50 9.86 -15.09
CA VAL A 132 -29.50 8.81 -14.97
C VAL A 132 -28.90 7.67 -14.18
N THR A 133 -29.64 7.17 -13.19
CA THR A 133 -29.14 6.14 -12.30
C THR A 133 -30.13 4.98 -12.27
N ASP A 134 -29.61 3.80 -11.95
CA ASP A 134 -30.36 2.55 -12.10
C ASP A 134 -30.98 2.12 -10.79
N ASN A 135 -32.15 1.48 -10.90
CA ASN A 135 -32.86 0.98 -9.74
C ASN A 135 -32.20 -0.29 -9.23
N PRO A 136 -31.72 -0.31 -7.99
CA PRO A 136 -31.06 -1.54 -7.49
C PRO A 136 -31.98 -2.75 -7.41
N LEU A 137 -33.28 -2.55 -7.19
CA LEU A 137 -34.20 -3.67 -7.15
C LEU A 137 -34.24 -4.42 -8.47
N ARG A 138 -33.88 -3.76 -9.56
CA ARG A 138 -33.89 -4.33 -10.90
C ARG A 138 -32.50 -4.85 -11.29
N ARG A 139 -31.54 -4.81 -10.37
CA ARG A 139 -30.14 -5.06 -10.71
C ARG A 139 -29.94 -6.41 -11.37
N PHE A 140 -30.81 -7.39 -11.12
CA PHE A 140 -30.71 -8.67 -11.82
C PHE A 140 -32.05 -9.06 -12.42
N ASN A 141 -32.84 -8.08 -12.82
CA ASN A 141 -34.18 -8.31 -13.36
C ASN A 141 -34.33 -7.51 -14.65
N GLY A 142 -35.32 -7.87 -15.44
CA GLY A 142 -35.53 -7.21 -16.71
C GLY A 142 -34.94 -8.00 -17.85
N ARG A 143 -35.76 -8.35 -18.83
CA ARG A 143 -35.35 -9.22 -19.94
C ARG A 143 -34.79 -10.55 -19.42
N LYS A 144 -35.38 -11.06 -18.34
CA LYS A 144 -34.96 -12.33 -17.78
C LYS A 144 -35.30 -13.47 -18.71
N PRO A 148 -39.00 -11.27 -7.74
CA PRO A 148 -39.00 -11.69 -9.15
C PRO A 148 -38.59 -10.57 -10.11
N GLU A 149 -39.29 -9.44 -10.03
CA GLU A 149 -38.97 -8.29 -10.85
C GLU A 149 -38.41 -7.12 -10.04
N GLN A 150 -38.60 -7.12 -8.72
CA GLN A 150 -38.03 -6.11 -7.84
C GLN A 150 -37.59 -6.80 -6.56
N SER A 151 -36.31 -7.14 -6.48
CA SER A 151 -35.74 -7.73 -5.27
C SER A 151 -34.37 -7.15 -5.02
N VAL A 152 -33.96 -7.12 -3.76
CA VAL A 152 -32.64 -6.61 -3.42
C VAL A 152 -31.57 -7.51 -4.05
N PRO A 153 -30.55 -6.96 -4.69
CA PRO A 153 -29.60 -7.81 -5.41
C PRO A 153 -28.61 -8.49 -4.48
N THR A 154 -28.10 -9.62 -4.95
CA THR A 154 -27.05 -10.35 -4.26
C THR A 154 -25.70 -9.99 -4.85
N ASP A 155 -24.65 -10.15 -4.05
CA ASP A 155 -23.31 -9.86 -4.53
C ASP A 155 -22.94 -10.82 -5.65
N MET A 156 -21.84 -10.50 -6.34
CA MET A 156 -21.39 -11.33 -7.45
C MET A 156 -21.09 -12.74 -6.99
N LEU A 157 -20.44 -12.87 -5.84
CA LEU A 157 -20.10 -14.17 -5.27
C LEU A 157 -21.32 -14.96 -4.84
N CYS A 158 -22.50 -14.32 -4.79
CA CYS A 158 -23.69 -14.89 -4.18
C CYS A 158 -23.45 -15.29 -2.74
N LEU A 159 -22.43 -14.70 -2.12
CA LEU A 159 -22.11 -14.92 -0.72
C LEU A 159 -22.78 -13.92 0.21
N LYS A 160 -23.50 -12.95 -0.35
CA LYS A 160 -24.09 -11.87 0.45
C LYS A 160 -24.93 -12.37 1.62
N PRO A 161 -25.84 -13.34 1.45
CA PRO A 161 -26.57 -13.83 2.63
C PRO A 161 -25.68 -14.39 3.71
N THR A 162 -24.62 -15.12 3.34
CA THR A 162 -23.71 -15.68 4.34
C THR A 162 -22.83 -14.63 4.99
N LEU A 163 -22.40 -13.63 4.21
CA LEU A 163 -21.66 -12.52 4.79
C LEU A 163 -22.51 -11.76 5.79
N GLU A 164 -23.78 -11.54 5.47
CA GLU A 164 -24.68 -10.90 6.42
C GLU A 164 -24.89 -11.77 7.65
N LYS A 165 -25.04 -13.08 7.44
CA LYS A 165 -25.27 -13.98 8.57
C LYS A 165 -24.02 -14.20 9.41
N LYS A 166 -22.85 -13.86 8.88
CA LYS A 166 -21.60 -14.04 9.61
C LYS A 166 -21.19 -12.76 10.34
N PHE A 167 -21.16 -11.63 9.65
CA PHE A 167 -20.80 -10.37 10.29
C PHE A 167 -21.91 -9.90 11.22
N PHE A 168 -23.14 -9.90 10.73
CA PHE A 168 -24.31 -9.70 11.56
C PHE A 168 -24.95 -11.05 11.86
N GLY A 169 -26.01 -11.04 12.66
CA GLY A 169 -26.60 -12.29 13.06
C GLY A 169 -27.68 -12.86 12.19
N LYS A 170 -28.02 -12.20 11.08
CA LYS A 170 -29.18 -12.61 10.29
C LYS A 170 -29.07 -12.10 8.87
N GLU A 171 -29.88 -12.69 7.99
CA GLU A 171 -30.00 -12.23 6.63
C GLU A 171 -30.71 -10.88 6.58
N PHE A 172 -30.33 -10.05 5.61
CA PHE A 172 -30.80 -8.68 5.52
C PHE A 172 -31.40 -8.42 4.14
N ASP A 173 -32.64 -7.94 4.13
CA ASP A 173 -33.37 -7.66 2.90
C ASP A 173 -33.08 -6.24 2.41
N ASP A 174 -31.78 -5.96 2.26
CA ASP A 174 -31.35 -4.64 1.83
C ASP A 174 -30.04 -4.76 1.08
N ASN A 175 -29.46 -3.61 0.74
CA ASN A 175 -28.26 -3.53 -0.09
C ASN A 175 -27.28 -2.51 0.47
N ILE A 176 -27.10 -2.51 1.79
CA ILE A 176 -26.15 -1.65 2.47
C ILE A 176 -25.16 -2.45 3.31
N HIS A 177 -25.66 -3.47 4.00
CA HIS A 177 -24.81 -4.27 4.86
C HIS A 177 -23.75 -5.01 4.07
N ILE A 178 -24.11 -5.55 2.90
CA ILE A 178 -23.11 -6.19 2.05
C ILE A 178 -22.10 -5.17 1.55
N GLN A 179 -22.54 -3.94 1.30
CA GLN A 179 -21.62 -2.86 0.92
C GLN A 179 -20.59 -2.64 2.02
N LEU A 180 -21.03 -2.65 3.27
CA LEU A 180 -20.12 -2.53 4.41
C LEU A 180 -19.19 -3.75 4.50
N ILE A 181 -19.75 -4.95 4.28
CA ILE A 181 -18.98 -6.17 4.47
C ILE A 181 -17.87 -6.27 3.44
N TYR A 182 -18.13 -5.81 2.22
CA TYR A 182 -17.07 -5.83 1.22
C TYR A 182 -15.94 -4.86 1.56
N ASN A 183 -16.25 -3.76 2.23
CA ASN A 183 -15.18 -2.90 2.72
C ASN A 183 -14.39 -3.57 3.84
N ILE A 184 -15.05 -4.33 4.71
CA ILE A 184 -14.33 -5.12 5.70
C ILE A 184 -13.41 -6.12 5.01
N LEU A 185 -13.91 -6.78 3.97
CA LEU A 185 -13.09 -7.73 3.22
C LEU A 185 -11.93 -7.04 2.52
N ASP A 186 -12.12 -5.79 2.07
CA ASP A 186 -11.02 -5.03 1.53
C ASP A 186 -9.96 -4.74 2.58
N ILE A 187 -10.40 -4.43 3.81
CA ILE A 187 -9.47 -4.27 4.92
C ILE A 187 -8.63 -5.52 5.08
N GLU A 188 -9.30 -6.68 5.13
CA GLU A 188 -8.58 -7.94 5.31
C GLU A 188 -7.68 -8.26 4.12
N LYS A 189 -8.08 -7.86 2.91
CA LYS A 189 -7.23 -8.07 1.74
C LYS A 189 -5.94 -7.27 1.83
N ILE A 190 -6.06 -5.98 2.17
CA ILE A 190 -4.87 -5.15 2.30
C ILE A 190 -3.97 -5.68 3.40
N LEU A 191 -4.56 -6.09 4.52
CA LEU A 191 -3.73 -6.66 5.59
C LEU A 191 -3.11 -7.98 5.17
N ALA A 192 -3.79 -8.77 4.33
CA ALA A 192 -3.20 -10.00 3.82
C ALA A 192 -1.99 -9.70 2.95
N VAL A 193 -2.07 -8.64 2.15
CA VAL A 193 -0.90 -8.20 1.39
C VAL A 193 0.24 -7.87 2.34
N TYR A 194 -0.03 -7.03 3.32
CA TYR A 194 1.08 -6.36 4.00
C TYR A 194 1.61 -7.13 5.19
N SER A 195 0.82 -7.96 5.86
CA SER A 195 1.40 -8.88 6.81
C SER A 195 2.27 -9.92 6.12
N THR A 196 1.85 -10.38 4.94
CA THR A 196 2.70 -11.25 4.14
C THR A 196 4.01 -10.56 3.77
N ASN A 197 3.93 -9.30 3.35
CA ASN A 197 5.15 -8.57 3.02
C ASN A 197 6.04 -8.40 4.24
N ALA A 198 5.45 -8.11 5.41
CA ALA A 198 6.26 -7.95 6.61
C ALA A 198 6.96 -9.26 6.99
N ILE A 199 6.24 -10.37 6.91
CA ILE A 199 6.85 -11.66 7.20
C ILE A 199 7.96 -11.98 6.20
N TYR A 200 7.77 -11.64 4.94
CA TYR A 200 8.84 -11.85 3.97
C TYR A 200 10.04 -10.96 4.28
N ALA A 201 9.79 -9.74 4.74
CA ALA A 201 10.90 -8.87 5.15
C ALA A 201 11.68 -9.51 6.28
N LEU A 202 10.98 -10.06 7.27
CA LEU A 202 11.65 -10.75 8.36
C LEU A 202 12.34 -12.02 7.92
N ASN A 203 11.85 -12.68 6.87
CA ASN A 203 12.40 -13.95 6.41
C ASN A 203 13.33 -13.82 5.22
N ASN A 204 13.65 -12.60 4.78
CA ASN A 204 14.43 -12.45 3.56
C ASN A 204 15.84 -12.98 3.74
N MET A 205 16.52 -12.56 4.80
CA MET A 205 17.83 -13.09 5.19
C MET A 205 18.83 -13.20 4.04
N ASP A 215 8.89 -21.39 8.25
CA ASP A 215 8.18 -22.39 9.02
C ASP A 215 8.11 -21.99 10.49
N PHE A 216 8.77 -20.89 10.82
CA PHE A 216 8.79 -20.37 12.18
C PHE A 216 7.88 -19.16 12.36
N PHE A 217 7.93 -18.20 11.43
CA PHE A 217 7.05 -17.05 11.52
C PHE A 217 5.62 -17.37 11.10
N MET A 218 5.41 -18.50 10.41
CA MET A 218 4.07 -18.88 9.98
C MET A 218 3.31 -19.65 11.04
N LYS A 219 3.92 -19.91 12.21
CA LYS A 219 3.27 -20.61 13.30
C LYS A 219 3.29 -19.81 14.59
N ARG A 220 3.45 -18.50 14.50
CA ARG A 220 3.54 -17.66 15.68
C ARG A 220 2.15 -17.33 16.19
N THR A 221 1.86 -17.72 17.43
CA THR A 221 0.54 -17.54 18.02
C THR A 221 0.62 -16.61 19.21
N THR A 222 -0.31 -15.67 19.28
CA THR A 222 -0.39 -14.75 20.42
C THR A 222 -0.62 -15.51 21.72
N ASP A 223 -1.29 -16.67 21.65
CA ASP A 223 -1.68 -17.39 22.86
C ASP A 223 -0.48 -17.73 23.73
N GLU A 224 0.71 -17.83 23.16
CA GLU A 224 1.92 -18.11 23.91
C GLU A 224 2.79 -16.85 23.96
N THR A 225 3.18 -16.47 25.17
CA THR A 225 4.02 -15.30 25.36
C THR A 225 5.49 -15.71 25.29
N PHE A 226 6.39 -14.76 25.57
CA PHE A 226 7.80 -15.10 25.57
C PHE A 226 8.18 -15.92 26.79
N ASP A 227 7.46 -15.76 27.89
CA ASP A 227 7.75 -16.56 29.08
C ASP A 227 7.44 -18.04 28.84
N ASP A 228 6.60 -18.35 27.85
CA ASP A 228 6.32 -19.72 27.47
C ASP A 228 7.07 -20.17 26.24
N PHE A 229 7.42 -19.24 25.35
CA PHE A 229 8.23 -19.57 24.18
C PHE A 229 9.68 -19.80 24.57
N GLU A 230 10.15 -19.16 25.64
CA GLU A 230 11.52 -19.30 26.09
C GLU A 230 11.78 -20.65 26.74
N LYS A 231 10.72 -21.35 27.16
CA LYS A 231 10.89 -22.70 27.70
C LYS A 231 11.23 -23.72 26.62
N LYS A 232 11.28 -23.30 25.36
CA LYS A 232 11.70 -24.17 24.27
C LYS A 232 13.21 -24.21 24.08
N LYS A 233 13.98 -23.57 24.96
CA LYS A 233 15.43 -23.75 24.97
C LYS A 233 15.79 -25.21 25.23
N GLU A 234 15.27 -25.78 26.32
CA GLU A 234 15.58 -27.16 26.69
C GLU A 234 14.43 -28.10 26.31
N SER A 235 13.66 -27.74 25.29
CA SER A 235 12.59 -28.63 24.86
C SER A 235 13.17 -29.94 24.38
N THR A 236 12.60 -31.04 24.88
CA THR A 236 13.08 -32.36 24.50
C THR A 236 12.76 -32.70 23.06
N ASN A 237 11.92 -31.92 22.39
CA ASN A 237 11.42 -32.26 21.06
C ASN A 237 11.98 -31.32 20.01
N SER A 238 12.32 -31.90 18.87
CA SER A 238 13.05 -31.19 17.83
C SER A 238 12.24 -30.05 17.24
N ARG A 239 10.92 -30.20 17.13
CA ARG A 239 10.11 -29.14 16.53
C ARG A 239 10.20 -27.85 17.34
N GLU A 240 9.94 -27.93 18.64
CA GLU A 240 10.02 -26.76 19.50
C GLU A 240 11.44 -26.24 19.63
N LYS A 241 12.42 -27.14 19.77
CA LYS A 241 13.80 -26.69 19.86
C LYS A 241 14.23 -25.96 18.59
N ALA A 242 13.84 -26.47 17.43
CA ALA A 242 14.20 -25.83 16.17
C ALA A 242 13.46 -24.52 15.98
N ASP A 243 12.22 -24.42 16.47
CA ASP A 243 11.52 -23.15 16.41
C ASP A 243 12.24 -22.09 17.25
N PHE A 244 12.65 -22.47 18.46
CA PHE A 244 13.36 -21.51 19.30
C PHE A 244 14.72 -21.16 18.69
N ASP A 245 15.40 -22.13 18.10
CA ASP A 245 16.67 -21.85 17.46
C ASP A 245 16.50 -20.96 16.25
N ALA A 246 15.38 -21.09 15.52
CA ALA A 246 15.09 -20.17 14.44
C ALA A 246 14.87 -18.76 14.98
N PHE A 247 14.16 -18.65 16.10
CA PHE A 247 13.97 -17.35 16.74
C PHE A 247 15.31 -16.71 17.10
N GLU A 248 16.20 -17.50 17.70
CA GLU A 248 17.52 -16.99 18.06
C GLU A 248 18.34 -16.62 16.83
N LYS A 249 18.32 -17.47 15.81
CA LYS A 249 19.07 -17.19 14.59
C LYS A 249 18.51 -15.99 13.85
N PHE A 250 17.24 -15.63 14.12
CA PHE A 250 16.68 -14.43 13.53
C PHE A 250 17.06 -13.18 14.33
N ILE A 251 16.89 -13.22 15.66
CA ILE A 251 17.21 -12.03 16.44
C ILE A 251 18.71 -11.74 16.42
N GLY A 252 19.55 -12.78 16.36
CA GLY A 252 20.97 -12.56 16.21
C GLY A 252 21.35 -12.02 14.86
N ASN A 253 20.44 -12.07 13.89
CA ASN A 253 20.71 -11.52 12.57
C ASN A 253 20.86 -10.01 12.66
N TYR A 254 21.83 -9.48 11.92
CA TYR A 254 21.98 -8.03 11.83
C TYR A 254 20.84 -7.38 11.08
N ARG A 255 20.03 -8.17 10.37
CA ARG A 255 18.97 -7.62 9.53
C ARG A 255 17.90 -6.89 10.33
N LEU A 256 17.82 -7.15 11.63
CA LEU A 256 16.89 -6.42 12.49
C LEU A 256 17.21 -4.93 12.53
N ALA A 257 18.44 -4.56 12.18
CA ALA A 257 18.83 -3.16 12.16
C ALA A 257 18.12 -2.37 11.07
N TYR A 258 17.59 -3.05 10.05
CA TYR A 258 16.76 -2.36 9.07
C TYR A 258 15.31 -2.23 9.53
N PHE A 259 14.93 -2.95 10.57
CA PHE A 259 13.62 -2.85 11.22
C PHE A 259 13.74 -2.06 12.51
N ALA A 260 14.58 -1.01 12.49
CA ALA A 260 15.00 -0.36 13.73
C ALA A 260 13.84 0.24 14.50
N ASP A 261 12.82 0.72 13.80
CA ASP A 261 11.66 1.29 14.49
C ASP A 261 10.97 0.23 15.33
N ALA A 262 10.90 -1.00 14.84
CA ALA A 262 10.24 -2.07 15.58
C ALA A 262 11.16 -2.69 16.62
N PHE A 263 12.45 -2.82 16.32
CA PHE A 263 13.34 -3.64 17.13
C PHE A 263 14.41 -2.87 17.89
N TYR A 264 14.73 -1.64 17.51
CA TYR A 264 15.76 -0.84 18.16
C TYR A 264 15.15 0.21 19.06
N VAL A 265 15.70 0.33 20.27
CA VAL A 265 15.29 1.33 21.23
C VAL A 265 16.53 2.05 21.76
N ASN A 266 16.32 3.26 22.26
CA ASN A 266 17.40 4.04 22.85
C ASN A 266 17.53 3.71 24.32
N LYS A 267 18.75 3.36 24.73
CA LYS A 267 19.00 3.01 26.12
C LYS A 267 20.31 3.63 26.59
N ASN A 276 21.41 3.44 20.46
CA ASN A 276 20.42 2.47 20.00
C ASN A 276 20.86 1.05 20.27
N VAL A 277 20.02 0.30 20.98
CA VAL A 277 20.26 -1.11 21.25
C VAL A 277 19.04 -1.88 20.81
N LEU A 278 19.25 -3.17 20.51
CA LEU A 278 18.14 -4.04 20.18
C LEU A 278 17.22 -4.16 21.39
N ARG A 279 15.91 -4.20 21.14
CA ARG A 279 14.98 -4.42 22.23
C ARG A 279 15.22 -5.79 22.85
N GLU A 280 14.81 -5.94 24.10
CA GLU A 280 15.02 -7.20 24.79
C GLU A 280 14.27 -8.31 24.07
N ASP A 281 14.71 -9.54 24.32
CA ASP A 281 14.18 -10.69 23.57
C ASP A 281 12.67 -10.81 23.70
N LYS A 282 12.10 -10.37 24.82
CA LYS A 282 10.66 -10.42 24.98
C LYS A 282 9.96 -9.57 23.92
N GLU A 283 10.35 -8.30 23.80
CA GLU A 283 9.75 -7.44 22.78
C GLU A 283 10.13 -7.89 21.38
N LEU A 284 11.35 -8.40 21.23
CA LEU A 284 11.79 -8.93 19.95
C LEU A 284 10.85 -10.03 19.47
N TYR A 285 10.48 -10.95 20.36
CA TYR A 285 9.61 -12.05 20.01
C TYR A 285 8.17 -11.59 19.88
N SER A 286 7.76 -10.60 20.69
CA SER A 286 6.38 -10.15 20.65
C SER A 286 6.07 -9.43 19.34
N VAL A 287 7.01 -8.65 18.80
CA VAL A 287 6.80 -8.05 17.49
C VAL A 287 6.58 -9.14 16.45
N LEU A 288 7.44 -10.16 16.46
CA LEU A 288 7.34 -11.23 15.48
C LEU A 288 6.03 -11.99 15.62
N THR A 289 5.59 -12.22 16.85
CA THR A 289 4.33 -12.92 17.06
C THR A 289 3.16 -12.10 16.56
N LEU A 290 3.14 -10.80 16.88
CA LEU A 290 2.04 -9.96 16.43
C LEU A 290 2.04 -9.79 14.93
N ILE A 291 3.19 -10.00 14.28
CA ILE A 291 3.24 -9.87 12.83
C ILE A 291 2.85 -11.19 12.16
N GLY A 292 3.42 -12.29 12.65
CA GLY A 292 3.14 -13.59 12.06
C GLY A 292 1.72 -14.05 12.31
N LYS A 293 1.19 -13.80 13.50
CA LYS A 293 -0.21 -14.12 13.76
C LYS A 293 -1.12 -13.28 12.88
N LEU A 294 -0.75 -12.04 12.61
CA LEU A 294 -1.52 -11.23 11.67
C LEU A 294 -1.49 -11.84 10.27
N ARG A 295 -0.32 -12.31 9.83
CA ARG A 295 -0.25 -12.96 8.52
C ARG A 295 -1.09 -14.23 8.49
N HIS A 296 -1.00 -15.04 9.53
CA HIS A 296 -1.77 -16.28 9.59
C HIS A 296 -3.25 -16.00 9.58
N TRP A 297 -3.68 -14.98 10.31
CA TRP A 297 -5.09 -14.60 10.35
C TRP A 297 -5.55 -14.07 9.00
N CYS A 298 -4.72 -13.26 8.34
CA CYS A 298 -5.12 -12.60 7.11
C CYS A 298 -4.99 -13.48 5.87
N VAL A 299 -4.27 -14.59 5.94
CA VAL A 299 -4.11 -15.50 4.81
C VAL A 299 -4.86 -16.80 5.03
N HIS A 300 -4.71 -17.40 6.20
CA HIS A 300 -5.42 -18.63 6.53
C HIS A 300 -6.72 -18.28 7.24
N SER A 301 -7.84 -18.64 6.62
CA SER A 301 -9.12 -18.54 7.32
C SER A 301 -9.11 -19.47 8.52
N GLU A 302 -9.31 -18.91 9.70
CA GLU A 302 -9.11 -19.63 10.94
C GLU A 302 -10.44 -20.17 11.47
N GLU A 303 -10.33 -21.04 12.46
CA GLU A 303 -11.48 -21.67 13.10
C GLU A 303 -11.37 -21.48 14.61
N GLY A 304 -12.53 -21.33 15.24
CA GLY A 304 -12.56 -21.11 16.68
C GLY A 304 -12.40 -19.64 17.03
N ARG A 305 -11.95 -19.42 18.27
CA ARG A 305 -11.83 -18.06 18.78
C ARG A 305 -10.80 -17.25 18.00
N ALA A 306 -9.84 -17.92 17.36
CA ALA A 306 -8.76 -17.21 16.67
C ALA A 306 -9.19 -16.68 15.31
N GLU A 307 -10.41 -16.95 14.87
CA GLU A 307 -10.88 -16.41 13.59
C GLU A 307 -11.09 -14.91 13.69
N PHE A 308 -11.38 -14.39 14.87
CA PHE A 308 -11.65 -12.98 15.09
C PHE A 308 -10.48 -12.28 15.78
N TRP A 309 -9.26 -12.80 15.58
CA TRP A 309 -8.12 -12.32 16.36
C TRP A 309 -7.81 -10.85 16.08
N LEU A 310 -7.91 -10.44 14.81
CA LEU A 310 -7.65 -9.04 14.47
C LEU A 310 -8.65 -8.10 15.13
N TYR A 311 -9.84 -8.61 15.46
CA TYR A 311 -10.90 -7.76 15.99
C TYR A 311 -11.09 -7.90 17.49
N LYS A 312 -10.60 -8.97 18.09
CA LYS A 312 -10.62 -9.14 19.55
C LYS A 312 -9.25 -8.82 20.15
N LEU A 313 -8.55 -7.83 19.59
CA LEU A 313 -7.20 -7.50 20.03
C LEU A 313 -7.15 -6.94 21.45
N ASP A 314 -8.29 -6.53 22.01
CA ASP A 314 -8.30 -6.13 23.41
C ASP A 314 -7.99 -7.29 24.34
N GLU A 315 -8.02 -8.53 23.84
CA GLU A 315 -7.67 -9.70 24.63
C GLU A 315 -6.21 -10.09 24.46
N LEU A 316 -5.41 -9.26 23.79
CA LEU A 316 -3.99 -9.55 23.64
C LEU A 316 -3.31 -9.67 25.00
N LYS A 317 -2.25 -10.45 25.05
CA LYS A 317 -1.52 -10.61 26.30
C LYS A 317 -0.75 -9.33 26.62
N ASP A 318 -0.35 -9.23 27.89
CA ASP A 318 0.28 -8.01 28.38
C ASP A 318 1.56 -7.71 27.60
N ASP A 319 2.34 -8.73 27.25
CA ASP A 319 3.56 -8.49 26.51
C ASP A 319 3.28 -7.84 25.16
N PHE A 320 2.31 -8.36 24.43
CA PHE A 320 1.96 -7.80 23.13
C PHE A 320 1.37 -6.40 23.24
N LYS A 321 0.53 -6.16 24.25
CA LYS A 321 0.04 -4.81 24.49
C LYS A 321 1.20 -3.85 24.76
N ASN A 322 2.13 -4.26 25.61
CA ASN A 322 3.24 -3.39 25.98
C ASN A 322 4.14 -3.10 24.79
N VAL A 323 4.38 -4.10 23.95
CA VAL A 323 5.24 -3.87 22.78
C VAL A 323 4.53 -2.98 21.77
N LEU A 324 3.23 -3.19 21.56
CA LEU A 324 2.47 -2.26 20.74
C LEU A 324 2.61 -0.84 21.28
N ASP A 325 2.49 -0.69 22.59
CA ASP A 325 2.60 0.63 23.21
C ASP A 325 3.96 1.25 22.95
N VAL A 326 5.04 0.51 23.19
CA VAL A 326 6.37 1.11 23.11
C VAL A 326 6.71 1.43 21.67
N VAL A 327 6.31 0.59 20.72
CA VAL A 327 6.59 0.90 19.32
C VAL A 327 5.77 2.09 18.85
N TYR A 328 4.53 2.22 19.33
CA TYR A 328 3.69 3.32 18.87
C TYR A 328 4.05 4.65 19.53
N ASN A 329 4.54 4.62 20.77
CA ASN A 329 4.73 5.86 21.52
C ASN A 329 5.92 6.65 21.01
N ARG A 330 6.98 5.95 20.59
CA ARG A 330 8.24 6.62 20.27
C ARG A 330 8.14 7.66 19.16
N PRO A 331 7.38 7.45 18.06
CA PRO A 331 7.22 8.56 17.09
C PRO A 331 6.36 9.67 17.66
N VAL A 332 5.32 9.28 18.39
CA VAL A 332 4.48 10.25 19.07
C VAL A 332 5.30 11.08 20.04
N GLU A 333 6.09 10.42 20.88
CA GLU A 333 6.93 11.13 21.83
C GLU A 333 7.96 11.99 21.12
N GLU A 334 8.56 11.47 20.06
CA GLU A 334 9.57 12.23 19.33
C GLU A 334 8.98 13.50 18.74
N ILE A 335 7.76 13.43 18.20
CA ILE A 335 7.20 14.59 17.53
C ILE A 335 6.65 15.60 18.54
N ASN A 336 5.89 15.14 19.53
CA ASN A 336 5.18 16.09 20.38
C ASN A 336 5.86 16.36 21.72
N ASN A 337 7.09 15.87 21.93
CA ASN A 337 7.78 16.20 23.18
C ASN A 337 8.22 17.65 23.20
N ARG A 338 8.86 18.11 22.12
CA ARG A 338 9.39 19.46 22.02
C ARG A 338 9.04 20.05 20.67
N PHE A 339 7.76 19.96 20.30
CA PHE A 339 7.33 20.42 18.99
C PHE A 339 7.69 21.88 18.75
N ILE A 340 7.68 22.71 19.80
CA ILE A 340 8.08 24.10 19.64
C ILE A 340 9.54 24.20 19.23
N GLU A 341 10.40 23.46 19.91
CA GLU A 341 11.84 23.57 19.69
C GLU A 341 12.20 23.15 18.27
N ASN A 342 11.76 21.95 17.86
CA ASN A 342 12.17 21.40 16.57
C ASN A 342 11.56 22.18 15.41
N ASN A 343 10.35 22.70 15.58
CA ASN A 343 9.67 23.46 14.54
C ASN A 343 9.77 24.95 14.75
N LYS A 344 10.78 25.40 15.50
CA LYS A 344 10.87 26.81 15.84
C LYS A 344 11.08 27.68 14.61
N VAL A 345 11.81 27.21 13.61
CA VAL A 345 12.08 28.04 12.45
C VAL A 345 10.78 28.33 11.69
N ASN A 346 10.01 27.27 11.38
CA ASN A 346 8.76 27.46 10.68
C ASN A 346 7.77 28.25 11.52
N ILE A 347 7.71 27.96 12.82
CA ILE A 347 6.80 28.67 13.71
C ILE A 347 7.12 30.17 13.70
N GLN A 348 8.41 30.52 13.76
CA GLN A 348 8.78 31.93 13.82
C GLN A 348 8.50 32.63 12.50
N ILE A 349 8.86 31.99 11.38
CA ILE A 349 8.67 32.66 10.10
C ILE A 349 7.18 32.76 9.76
N LEU A 350 6.36 31.84 10.29
CA LEU A 350 4.93 31.94 10.10
C LEU A 350 4.33 33.00 11.02
N GLY A 351 4.86 33.12 12.24
CA GLY A 351 4.47 34.23 13.10
C GLY A 351 4.83 35.57 12.51
N SER A 352 5.89 35.62 11.71
CA SER A 352 6.20 36.83 10.97
C SER A 352 5.10 37.17 9.96
N VAL A 353 4.57 36.15 9.28
CA VAL A 353 3.50 36.39 8.33
C VAL A 353 2.19 36.64 9.07
N TYR A 354 1.89 35.81 10.07
CA TYR A 354 0.64 35.91 10.80
C TYR A 354 0.86 36.69 12.10
N LYS A 355 1.15 37.98 11.94
CA LYS A 355 1.43 38.82 13.10
C LYS A 355 0.21 38.96 14.00
N ASN A 356 -0.96 39.18 13.41
CA ASN A 356 -2.17 39.38 14.20
C ASN A 356 -2.58 38.13 14.95
N THR A 357 -2.23 36.96 14.43
CA THR A 357 -2.61 35.70 15.07
C THR A 357 -1.82 35.49 16.36
N ASP A 358 -2.51 34.99 17.38
CA ASP A 358 -1.83 34.63 18.61
C ASP A 358 -0.81 33.55 18.33
N ILE A 359 0.32 33.61 19.03
CA ILE A 359 1.37 32.63 18.78
C ILE A 359 0.94 31.24 19.23
N ALA A 360 0.17 31.13 20.31
CA ALA A 360 -0.34 29.83 20.71
C ALA A 360 -1.32 29.28 19.68
N GLU A 361 -2.19 30.12 19.14
CA GLU A 361 -3.11 29.67 18.10
C GLU A 361 -2.36 29.23 16.86
N LEU A 362 -1.33 29.99 16.47
CA LEU A 362 -0.55 29.62 15.29
C LEU A 362 0.19 28.32 15.51
N VAL A 363 0.71 28.11 16.71
CA VAL A 363 1.40 26.86 17.03
C VAL A 363 0.43 25.68 16.98
N ARG A 364 -0.77 25.85 17.54
CA ARG A 364 -1.76 24.77 17.49
C ARG A 364 -2.17 24.48 16.05
N SER A 365 -2.36 25.53 15.24
CA SER A 365 -2.71 25.33 13.84
C SER A 365 -1.58 24.66 13.08
N TYR A 366 -0.33 25.02 13.39
CA TYR A 366 0.79 24.39 12.70
C TYR A 366 0.92 22.93 13.10
N TYR A 367 0.62 22.59 14.35
CA TYR A 367 0.54 21.17 14.71
C TYR A 367 -0.55 20.47 13.92
N GLU A 368 -1.75 21.07 13.87
CA GLU A 368 -2.85 20.48 13.14
C GLU A 368 -2.49 20.24 11.68
N PHE A 369 -1.74 21.18 11.09
CA PHE A 369 -1.42 21.12 9.68
C PHE A 369 -0.28 20.14 9.41
N LEU A 370 0.80 20.24 10.18
CA LEU A 370 2.02 19.52 9.85
C LEU A 370 2.00 18.11 10.45
N ILE A 371 1.66 17.99 11.73
CA ILE A 371 1.70 16.69 12.37
C ILE A 371 0.41 15.92 12.10
N THR A 372 -0.73 16.55 12.36
CA THR A 372 -2.01 15.89 12.19
C THR A 372 -2.44 15.85 10.72
N LYS A 373 -1.84 16.68 9.87
CA LYS A 373 -2.08 16.66 8.43
C LYS A 373 -3.53 16.97 8.09
N LYS A 374 -4.10 17.99 8.73
CA LYS A 374 -5.47 18.37 8.44
C LYS A 374 -5.62 19.01 7.07
N TYR A 375 -4.53 19.37 6.41
CA TYR A 375 -4.63 19.97 5.09
C TYR A 375 -4.92 18.95 4.00
N LYS A 376 -4.89 17.66 4.34
CA LYS A 376 -5.16 16.59 3.40
C LYS A 376 -6.56 16.00 3.54
N ASN A 377 -7.25 16.32 4.63
CA ASN A 377 -8.57 15.78 4.93
C ASN A 377 -9.70 16.68 4.45
N MET A 378 -9.36 17.88 3.97
CA MET A 378 -10.36 18.91 3.71
C MET A 378 -10.94 18.86 2.31
N GLY A 379 -10.83 17.73 1.61
CA GLY A 379 -11.60 17.50 0.41
C GLY A 379 -11.03 18.07 -0.87
N PHE A 380 -9.84 18.65 -0.83
CA PHE A 380 -9.18 19.09 -2.05
C PHE A 380 -7.67 19.10 -1.83
N SER A 381 -6.93 19.05 -2.93
CA SER A 381 -5.48 18.85 -2.88
C SER A 381 -4.78 20.19 -2.72
N ILE A 382 -4.42 20.52 -1.48
CA ILE A 382 -3.62 21.71 -1.24
C ILE A 382 -2.27 21.60 -1.91
N LYS A 383 -1.71 20.38 -1.96
CA LYS A 383 -0.47 20.17 -2.69
C LYS A 383 -0.62 20.54 -4.16
N LYS A 384 -1.73 20.12 -4.77
CA LYS A 384 -1.98 20.48 -6.17
C LYS A 384 -2.14 21.98 -6.32
N LEU A 385 -2.84 22.63 -5.39
CA LEU A 385 -3.01 24.08 -5.46
C LEU A 385 -1.66 24.79 -5.36
N ARG A 386 -0.81 24.36 -4.44
CA ARG A 386 0.50 24.97 -4.29
C ARG A 386 1.35 24.77 -5.54
N GLU A 387 1.33 23.56 -6.09
CA GLU A 387 2.10 23.30 -7.30
C GLU A 387 1.61 24.14 -8.46
N SER A 388 0.30 24.32 -8.59
CA SER A 388 -0.24 25.14 -9.68
C SER A 388 -0.05 26.63 -9.43
N MET A 389 0.09 27.04 -8.16
CA MET A 389 0.28 28.45 -7.86
C MET A 389 1.74 28.87 -8.06
N LEU A 390 2.67 28.08 -7.54
CA LEU A 390 4.09 28.36 -7.64
C LEU A 390 4.74 27.67 -8.83
N GLU A 391 3.99 27.46 -9.91
CA GLU A 391 4.49 26.73 -11.06
C GLU A 391 5.69 27.44 -11.69
N GLY A 392 5.46 28.64 -12.22
CA GLY A 392 6.51 29.33 -12.94
C GLY A 392 6.83 30.70 -12.41
N LYS A 393 6.48 30.95 -11.14
CA LYS A 393 6.72 32.26 -10.54
C LYS A 393 8.19 32.51 -10.25
N GLY A 394 9.05 31.50 -10.35
CA GLY A 394 10.47 31.65 -10.10
C GLY A 394 11.01 30.86 -8.94
N TYR A 395 10.19 30.07 -8.25
CA TYR A 395 10.67 29.28 -7.11
C TYR A 395 11.15 27.90 -7.52
N ALA A 396 11.17 27.60 -8.81
CA ALA A 396 11.75 26.36 -9.32
C ALA A 396 13.26 26.45 -9.50
N ASP A 397 13.84 27.59 -9.19
CA ASP A 397 15.29 27.77 -9.29
C ASP A 397 16.00 26.85 -8.30
N LYS A 398 17.25 26.52 -8.63
CA LYS A 398 18.03 25.60 -7.81
C LYS A 398 18.36 26.17 -6.44
N GLU A 399 18.25 27.47 -6.25
CA GLU A 399 18.67 28.09 -4.99
C GLU A 399 17.84 27.58 -3.82
N TYR A 400 16.55 27.37 -4.04
CA TYR A 400 15.62 27.05 -2.96
C TYR A 400 15.51 25.56 -2.66
N ASP A 401 16.35 24.72 -3.27
CA ASP A 401 16.20 23.28 -3.06
C ASP A 401 16.39 22.91 -1.59
N SER A 402 17.36 23.53 -0.93
CA SER A 402 17.48 23.36 0.51
C SER A 402 16.33 24.02 1.26
N VAL A 403 15.70 25.01 0.63
CA VAL A 403 14.58 25.72 1.24
C VAL A 403 13.23 25.11 0.85
N ARG A 404 13.18 24.36 -0.26
CA ARG A 404 11.92 24.01 -0.88
C ARG A 404 10.98 23.27 0.06
N ASN A 405 11.52 22.43 0.96
CA ASN A 405 10.64 21.73 1.88
C ASN A 405 9.92 22.71 2.80
N LYS A 406 10.66 23.63 3.42
CA LYS A 406 10.04 24.64 4.27
C LYS A 406 9.08 25.51 3.46
N LEU A 407 9.49 25.92 2.26
CA LEU A 407 8.67 26.80 1.45
C LEU A 407 7.34 26.14 1.10
N TYR A 408 7.39 24.89 0.64
CA TYR A 408 6.17 24.17 0.30
C TYR A 408 5.32 23.90 1.54
N GLN A 409 5.95 23.52 2.65
CA GLN A 409 5.21 23.30 3.89
C GLN A 409 4.42 24.53 4.29
N MET A 410 5.08 25.69 4.28
CA MET A 410 4.41 26.88 4.77
C MET A 410 3.52 27.54 3.73
N THR A 411 3.76 27.34 2.44
CA THR A 411 2.75 27.72 1.45
C THR A 411 1.48 26.89 1.65
N ASP A 412 1.64 25.59 1.90
CA ASP A 412 0.48 24.76 2.21
C ASP A 412 -0.20 25.23 3.49
N PHE A 413 0.58 25.63 4.49
CA PHE A 413 -0.01 26.11 5.74
C PHE A 413 -0.78 27.40 5.53
N ILE A 414 -0.23 28.33 4.75
CA ILE A 414 -0.93 29.57 4.46
C ILE A 414 -2.23 29.29 3.74
N LEU A 415 -2.19 28.42 2.72
CA LEU A 415 -3.40 28.05 2.01
C LEU A 415 -4.42 27.41 2.95
N TYR A 416 -3.97 26.47 3.77
CA TYR A 416 -4.83 25.79 4.72
C TYR A 416 -5.52 26.80 5.63
N THR A 417 -4.74 27.53 6.42
CA THR A 417 -5.30 28.53 7.33
C THR A 417 -6.24 29.49 6.63
N GLY A 418 -5.92 29.92 5.41
CA GLY A 418 -6.86 30.72 4.66
C GLY A 418 -8.18 30.01 4.44
N TYR A 419 -8.13 28.72 4.12
CA TYR A 419 -9.34 27.96 3.83
C TYR A 419 -10.20 27.71 5.07
N ILE A 420 -9.60 27.44 6.23
CA ILE A 420 -10.46 27.35 7.42
C ILE A 420 -10.98 28.73 7.81
N ASN A 421 -10.13 29.76 7.76
CA ASN A 421 -10.48 31.03 8.38
C ASN A 421 -11.38 31.88 7.50
N GLU A 422 -10.88 32.30 6.34
CA GLU A 422 -11.59 33.28 5.52
C GLU A 422 -12.15 32.71 4.23
N ASP A 423 -11.53 31.67 3.68
CA ASP A 423 -12.00 31.05 2.45
C ASP A 423 -12.67 29.70 2.68
N SER A 424 -13.44 29.57 3.75
CA SER A 424 -14.24 28.35 3.93
C SER A 424 -15.30 28.23 2.85
N ASP A 425 -15.92 29.35 2.49
CA ASP A 425 -16.87 29.35 1.38
C ASP A 425 -16.19 28.95 0.08
N ARG A 426 -14.98 29.46 -0.16
CA ARG A 426 -14.24 29.08 -1.36
C ARG A 426 -13.84 27.61 -1.34
N ALA A 427 -13.44 27.08 -0.18
CA ALA A 427 -13.12 25.66 -0.08
C ALA A 427 -14.33 24.79 -0.39
N ASP A 428 -15.49 25.18 0.14
CA ASP A 428 -16.71 24.43 -0.17
C ASP A 428 -17.06 24.53 -1.65
N ASP A 429 -16.96 25.73 -2.22
CA ASP A 429 -17.26 25.93 -3.63
C ASP A 429 -16.24 25.25 -4.54
N LEU A 430 -15.06 24.92 -4.02
CA LEU A 430 -14.06 24.18 -4.76
C LEU A 430 -14.28 22.68 -4.67
N VAL A 431 -14.61 22.18 -3.48
CA VAL A 431 -14.95 20.77 -3.32
C VAL A 431 -16.17 20.43 -4.15
N ASN A 432 -17.18 21.30 -4.15
CA ASN A 432 -18.39 21.02 -4.93
C ASN A 432 -18.10 20.94 -6.41
N THR A 433 -17.30 21.87 -6.96
CA THR A 433 -17.04 21.82 -8.39
C THR A 433 -16.07 20.70 -8.75
N LEU A 434 -15.23 20.27 -7.81
CA LEU A 434 -14.40 19.10 -8.09
C LEU A 434 -15.23 17.84 -8.11
N ARG A 435 -16.21 17.74 -7.20
CA ARG A 435 -17.10 16.59 -7.20
C ARG A 435 -17.97 16.58 -8.46
N SER A 436 -18.40 17.76 -8.91
CA SER A 436 -19.28 17.86 -10.07
C SER A 436 -18.52 17.83 -11.39
N SER A 437 -17.19 17.90 -11.36
CA SER A 437 -16.42 17.88 -12.60
C SER A 437 -16.47 16.50 -13.24
N LEU A 438 -16.50 16.48 -14.57
CA LEU A 438 -16.60 15.23 -15.32
C LEU A 438 -15.25 14.69 -15.79
N LYS A 439 -14.24 15.53 -15.91
CA LYS A 439 -12.96 15.13 -16.46
C LYS A 439 -11.82 15.62 -15.58
N GLU A 440 -10.70 14.90 -15.67
CA GLU A 440 -9.47 15.35 -15.03
C GLU A 440 -9.02 16.69 -15.60
N ASP A 441 -9.35 16.96 -16.86
CA ASP A 441 -9.10 18.30 -17.42
C ASP A 441 -9.91 19.35 -16.69
N ASP A 442 -11.17 19.05 -16.36
CA ASP A 442 -11.98 19.97 -15.60
C ASP A 442 -11.42 20.19 -14.20
N LYS A 443 -10.97 19.11 -13.55
CA LYS A 443 -10.34 19.26 -12.24
C LYS A 443 -9.08 20.10 -12.33
N THR A 444 -8.29 19.91 -13.39
CA THR A 444 -7.08 20.69 -13.58
C THR A 444 -7.40 22.16 -13.76
N THR A 445 -8.42 22.48 -14.56
CA THR A 445 -8.80 23.88 -14.76
C THR A 445 -9.30 24.50 -13.45
N VAL A 446 -10.06 23.72 -12.68
CA VAL A 446 -10.57 24.22 -11.40
C VAL A 446 -9.42 24.53 -10.46
N TYR A 447 -8.46 23.59 -10.36
CA TYR A 447 -7.31 23.81 -9.50
C TYR A 447 -6.46 24.98 -9.99
N CYS A 448 -6.33 25.14 -11.31
CA CYS A 448 -5.55 26.24 -11.85
C CYS A 448 -6.18 27.59 -11.51
N LYS A 449 -7.49 27.70 -11.66
CA LYS A 449 -8.15 28.96 -11.35
C LYS A 449 -8.06 29.28 -9.87
N GLU A 450 -8.29 28.27 -9.02
CA GLU A 450 -8.16 28.50 -7.59
C GLU A 450 -6.74 28.86 -7.21
N ALA A 451 -5.75 28.25 -7.86
CA ALA A 451 -4.35 28.58 -7.58
C ALA A 451 -4.00 29.98 -8.06
N ASP A 452 -4.60 30.42 -9.17
CA ASP A 452 -4.41 31.80 -9.59
C ASP A 452 -4.93 32.77 -8.55
N TYR A 453 -6.12 32.50 -8.01
CA TYR A 453 -6.64 33.36 -6.94
C TYR A 453 -5.73 33.31 -5.72
N LEU A 454 -5.29 32.11 -5.33
CA LEU A 454 -4.44 31.98 -4.15
C LEU A 454 -3.12 32.70 -4.34
N TRP A 455 -2.54 32.63 -5.54
CA TRP A 455 -1.31 33.36 -5.81
C TRP A 455 -1.52 34.86 -5.70
N LYS A 456 -2.53 35.38 -6.40
CA LYS A 456 -2.79 36.81 -6.35
C LYS A 456 -3.08 37.26 -4.93
N LYS A 457 -3.58 36.36 -4.09
CA LYS A 457 -3.79 36.69 -2.68
C LYS A 457 -2.50 36.60 -1.87
N TYR A 458 -1.56 35.75 -2.29
CA TYR A 458 -0.41 35.34 -1.49
C TYR A 458 0.92 35.59 -2.19
N ARG A 459 0.97 36.57 -3.10
CA ARG A 459 2.26 36.93 -3.69
C ARG A 459 3.23 37.39 -2.60
N GLU A 460 2.80 38.35 -1.77
CA GLU A 460 3.66 38.90 -0.74
C GLU A 460 3.87 37.93 0.41
N SER A 461 2.87 37.12 0.75
CA SER A 461 3.08 36.11 1.79
C SER A 461 4.13 35.10 1.38
N ILE A 462 4.06 34.63 0.13
CA ILE A 462 5.05 33.66 -0.35
C ILE A 462 6.42 34.30 -0.49
N ARG A 463 6.46 35.56 -0.94
CA ARG A 463 7.75 36.26 -1.01
C ARG A 463 8.36 36.41 0.38
N GLU A 464 7.54 36.74 1.38
CA GLU A 464 8.02 36.82 2.76
C GLU A 464 8.52 35.47 3.24
N VAL A 465 7.80 34.40 2.90
CA VAL A 465 8.22 33.05 3.29
C VAL A 465 9.58 32.73 2.69
N ALA A 466 9.77 33.05 1.40
CA ALA A 466 11.04 32.73 0.75
C ALA A 466 12.18 33.57 1.29
N ASP A 467 11.93 34.87 1.53
CA ASP A 467 12.99 35.76 2.00
C ASP A 467 13.47 35.37 3.39
N ALA A 468 12.54 34.98 4.27
CA ALA A 468 12.88 34.63 5.63
C ALA A 468 13.28 33.16 5.78
N LEU A 469 13.74 32.54 4.69
CA LEU A 469 14.28 31.19 4.73
C LEU A 469 15.73 31.14 4.24
N ASP A 470 16.45 32.26 4.31
CA ASP A 470 17.86 32.25 3.98
C ASP A 470 18.63 31.40 4.97
N GLY A 471 19.76 30.85 4.53
CA GLY A 471 20.53 29.97 5.40
C GLY A 471 20.94 30.63 6.70
N ASP A 472 21.47 31.86 6.62
CA ASP A 472 21.77 32.61 7.82
C ASP A 472 20.50 32.91 8.60
N ASN A 473 19.42 33.22 7.88
CA ASN A 473 18.14 33.47 8.54
C ASN A 473 17.64 32.22 9.26
N ILE A 474 17.76 31.05 8.63
CA ILE A 474 17.32 29.84 9.31
C ILE A 474 18.21 29.53 10.50
N LYS A 475 19.51 29.78 10.40
CA LYS A 475 20.39 29.60 11.55
C LYS A 475 19.94 30.46 12.71
N LYS A 476 19.77 31.77 12.46
CA LYS A 476 19.37 32.67 13.53
C LYS A 476 18.00 32.31 14.09
N LEU A 477 17.07 31.89 13.22
CA LEU A 477 15.77 31.43 13.68
C LEU A 477 15.91 30.20 14.57
N SER A 478 16.89 29.35 14.26
CA SER A 478 17.11 28.14 15.06
C SER A 478 17.73 28.47 16.41
N LYS A 479 18.55 29.52 16.47
CA LYS A 479 19.19 29.90 17.73
C LYS A 479 18.31 30.79 18.60
N SER A 480 17.22 31.31 18.07
CA SER A 480 16.39 32.23 18.85
C SER A 480 15.67 31.47 19.96
N ASN A 481 15.23 32.22 20.97
CA ASN A 481 14.50 31.67 22.09
C ASN A 481 13.06 32.13 22.03
N ILE A 482 12.13 31.17 22.00
CA ILE A 482 10.70 31.47 21.99
C ILE A 482 10.04 30.65 23.08
N GLU A 483 9.41 31.33 24.04
CA GLU A 483 8.64 30.66 25.08
C GLU A 483 7.15 30.77 24.77
N ILE A 484 6.74 29.92 23.82
CA ILE A 484 5.36 29.93 23.35
C ILE A 484 4.51 29.08 24.28
N GLN A 485 3.31 29.57 24.59
CA GLN A 485 2.41 28.84 25.48
C GLN A 485 1.95 27.56 24.82
N GLU A 486 2.19 26.42 25.47
CA GLU A 486 1.83 25.12 24.94
C GLU A 486 0.50 24.60 25.45
N ASP A 487 -0.22 25.39 26.25
CA ASP A 487 -1.53 24.96 26.74
C ASP A 487 -2.48 24.73 25.58
N LYS A 488 -2.50 25.66 24.63
CA LYS A 488 -3.36 25.53 23.45
C LYS A 488 -2.79 24.54 22.44
N LEU A 489 -1.46 24.37 22.41
CA LEU A 489 -0.87 23.34 21.58
C LEU A 489 -1.20 21.95 22.11
N ARG A 490 -1.00 21.72 23.40
CA ARG A 490 -1.10 20.38 23.98
C ARG A 490 -2.51 19.80 23.84
N LYS A 491 -3.52 20.64 23.65
CA LYS A 491 -4.87 20.13 23.40
C LYS A 491 -4.99 19.45 22.05
N CYS A 492 -3.99 19.58 21.18
CA CYS A 492 -3.98 18.94 19.89
C CYS A 492 -2.95 17.81 19.78
N PHE A 493 -2.19 17.55 20.84
CA PHE A 493 -1.13 16.55 20.77
C PHE A 493 -1.70 15.18 20.43
N ILE A 494 -1.03 14.50 19.50
CA ILE A 494 -1.46 13.18 19.06
C ILE A 494 -1.48 12.24 20.24
N SER A 495 -2.55 11.46 20.37
CA SER A 495 -2.73 10.62 21.54
C SER A 495 -1.60 9.62 21.67
N TYR A 496 -1.22 9.32 22.91
CA TYR A 496 -0.17 8.36 23.17
C TYR A 496 -0.73 6.95 22.98
N ALA A 497 0.08 5.94 23.27
CA ALA A 497 -0.33 4.57 22.99
C ALA A 497 -1.39 4.08 23.97
N ASP A 498 -1.49 4.68 25.15
CA ASP A 498 -2.49 4.24 26.10
C ASP A 498 -3.90 4.66 25.71
N SER A 499 -4.03 5.59 24.78
CA SER A 499 -5.34 6.05 24.31
C SER A 499 -5.75 5.40 22.99
N VAL A 500 -4.83 5.24 22.05
CA VAL A 500 -5.17 4.58 20.80
C VAL A 500 -5.44 3.10 21.04
N SER A 501 -6.09 2.47 20.06
CA SER A 501 -6.52 1.09 20.21
C SER A 501 -5.42 0.12 19.79
N GLU A 502 -5.55 -1.11 20.28
CA GLU A 502 -4.59 -2.16 19.94
C GLU A 502 -4.56 -2.42 18.45
N PHE A 503 -5.70 -2.29 17.76
CA PHE A 503 -5.73 -2.52 16.33
C PHE A 503 -4.85 -1.52 15.60
N THR A 504 -4.98 -0.24 15.93
CA THR A 504 -4.18 0.76 15.23
C THR A 504 -2.72 0.72 15.67
N LYS A 505 -2.46 0.32 16.92
CA LYS A 505 -1.08 0.11 17.33
C LYS A 505 -0.44 -1.03 16.53
N LEU A 506 -1.18 -2.12 16.35
CA LEU A 506 -0.69 -3.23 15.54
C LEU A 506 -0.54 -2.81 14.10
N ILE A 507 -1.40 -1.93 13.61
CA ILE A 507 -1.27 -1.45 12.25
C ILE A 507 0.02 -0.64 12.11
N TYR A 508 0.33 0.18 13.11
CA TYR A 508 1.60 0.90 13.07
C TYR A 508 2.78 -0.07 13.10
N LEU A 509 2.71 -1.08 13.96
CA LEU A 509 3.77 -2.08 14.04
C LEU A 509 3.94 -2.80 12.71
N LEU A 510 2.84 -3.12 12.05
CA LEU A 510 2.88 -3.64 10.69
C LEU A 510 3.60 -2.67 9.77
N THR A 511 3.22 -1.39 9.83
CA THR A 511 3.80 -0.37 8.97
C THR A 511 5.29 -0.21 9.18
N ARG A 512 5.82 -0.70 10.31
CA ARG A 512 7.25 -0.66 10.55
C ARG A 512 8.05 -1.53 9.59
N PHE A 513 7.40 -2.39 8.79
CA PHE A 513 8.08 -3.30 7.88
C PHE A 513 7.73 -3.05 6.42
N LEU A 514 7.35 -1.83 6.07
CA LEU A 514 7.02 -1.47 4.70
C LEU A 514 7.84 -0.28 4.23
N SER A 515 7.88 -0.10 2.91
CA SER A 515 8.40 1.12 2.32
C SER A 515 7.37 2.23 2.49
N GLY A 516 7.73 3.44 2.07
CA GLY A 516 6.81 4.56 2.21
C GLY A 516 5.60 4.45 1.30
N LYS A 517 5.81 4.01 0.06
CA LYS A 517 4.69 3.84 -0.85
C LYS A 517 3.73 2.78 -0.33
N GLU A 518 4.26 1.67 0.17
CA GLU A 518 3.43 0.66 0.81
C GLU A 518 2.79 1.19 2.07
N ILE A 519 3.48 2.08 2.79
CA ILE A 519 2.93 2.71 3.98
C ILE A 519 1.63 3.41 3.63
N ASN A 520 1.68 4.22 2.58
CA ASN A 520 0.49 4.93 2.12
C ASN A 520 -0.56 3.96 1.62
N ASP A 521 -0.18 3.04 0.73
CA ASP A 521 -1.16 2.14 0.12
C ASP A 521 -1.87 1.30 1.17
N LEU A 522 -1.24 1.10 2.33
CA LEU A 522 -1.93 0.37 3.41
C LEU A 522 -2.78 1.31 4.24
N VAL A 523 -2.16 2.36 4.82
CA VAL A 523 -2.87 3.14 5.82
C VAL A 523 -3.96 4.01 5.20
N THR A 524 -3.73 4.59 4.02
CA THR A 524 -4.77 5.38 3.38
C THR A 524 -5.93 4.51 2.92
N THR A 525 -5.66 3.33 2.38
CA THR A 525 -6.73 2.41 2.06
C THR A 525 -7.48 1.98 3.31
N LEU A 526 -6.79 1.79 4.42
CA LEU A 526 -7.48 1.43 5.66
C LEU A 526 -8.38 2.54 6.15
N ILE A 527 -7.90 3.78 6.14
CA ILE A 527 -8.76 4.88 6.57
C ILE A 527 -9.93 5.04 5.61
N ASN A 528 -9.71 4.80 4.31
CA ASN A 528 -10.79 4.87 3.35
C ASN A 528 -11.86 3.82 3.67
N LYS A 529 -11.43 2.59 3.95
CA LYS A 529 -12.40 1.53 4.18
C LYS A 529 -13.13 1.72 5.51
N PHE A 530 -12.43 2.17 6.55
CA PHE A 530 -13.10 2.43 7.81
C PHE A 530 -14.05 3.61 7.71
N ASP A 531 -13.67 4.63 6.92
CA ASP A 531 -14.57 5.73 6.64
C ASP A 531 -15.81 5.26 5.91
N ASN A 532 -15.63 4.35 4.96
CA ASN A 532 -16.77 3.76 4.26
C ASN A 532 -17.67 3.01 5.22
N ILE A 533 -17.07 2.22 6.11
CA ILE A 533 -17.84 1.46 7.08
C ILE A 533 -18.62 2.39 8.00
N ARG A 534 -17.97 3.47 8.46
CA ARG A 534 -18.65 4.42 9.33
C ARG A 534 -19.81 5.10 8.60
N SER A 535 -19.61 5.47 7.34
CA SER A 535 -20.69 6.09 6.58
C SER A 535 -21.86 5.13 6.41
N PHE A 536 -21.58 3.85 6.12
CA PHE A 536 -22.66 2.88 6.03
C PHE A 536 -23.36 2.69 7.37
N LEU A 537 -22.59 2.64 8.46
CA LEU A 537 -23.20 2.46 9.77
C LEU A 537 -24.12 3.63 10.11
N GLU A 538 -23.68 4.84 9.81
CA GLU A 538 -24.52 6.02 10.08
C GLU A 538 -25.73 6.04 9.16
N ILE A 539 -25.60 5.59 7.92
CA ILE A 539 -26.75 5.52 7.03
C ILE A 539 -27.77 4.52 7.54
N MET A 540 -27.31 3.35 8.00
CA MET A 540 -28.23 2.36 8.53
C MET A 540 -28.85 2.80 9.84
N ASP A 541 -28.12 3.54 10.66
CA ASP A 541 -28.71 4.11 11.87
C ASP A 541 -29.76 5.16 11.52
N GLU A 542 -29.50 5.97 10.50
CA GLU A 542 -30.45 6.99 10.08
C GLU A 542 -31.70 6.37 9.46
N LEU A 543 -31.56 5.24 8.78
CA LEU A 543 -32.69 4.51 8.22
C LEU A 543 -33.33 3.57 9.22
N GLY A 544 -32.74 3.38 10.39
CA GLY A 544 -33.29 2.47 11.37
C GLY A 544 -33.02 1.02 11.11
N LEU A 545 -32.14 0.70 10.17
CA LEU A 545 -31.81 -0.68 9.88
C LEU A 545 -31.02 -1.31 11.02
N ASP A 546 -31.01 -2.64 11.04
CA ASP A 546 -30.32 -3.38 12.10
C ASP A 546 -28.81 -3.27 11.92
N ARG A 547 -28.21 -2.31 12.63
CA ARG A 547 -26.79 -2.02 12.53
C ARG A 547 -25.93 -2.95 13.38
N THR A 548 -26.55 -3.71 14.29
CA THR A 548 -25.81 -4.46 15.29
C THR A 548 -24.93 -5.55 14.67
N PHE A 549 -23.62 -5.40 14.79
CA PHE A 549 -22.69 -6.47 14.45
C PHE A 549 -22.82 -7.60 15.45
N THR A 550 -22.30 -8.77 15.06
CA THR A 550 -22.29 -9.90 15.97
C THR A 550 -21.35 -9.63 17.15
N ALA A 551 -21.56 -10.40 18.22
CA ALA A 551 -20.73 -10.23 19.41
C ALA A 551 -19.26 -10.43 19.09
N GLU A 552 -18.96 -11.23 18.07
CA GLU A 552 -17.57 -11.47 17.70
C GLU A 552 -17.01 -10.36 16.83
N TYR A 553 -17.87 -9.58 16.16
CA TYR A 553 -17.42 -8.51 15.29
C TYR A 553 -17.76 -7.14 15.84
N SER A 554 -17.98 -7.02 17.15
CA SER A 554 -18.27 -5.72 17.75
C SER A 554 -17.15 -4.72 17.56
N PHE A 555 -16.03 -5.14 16.99
CA PHE A 555 -14.92 -4.24 16.70
C PHE A 555 -15.36 -3.11 15.78
N PHE A 556 -16.22 -3.42 14.82
CA PHE A 556 -16.62 -2.44 13.82
C PHE A 556 -17.73 -1.50 14.30
N GLU A 557 -18.29 -1.75 15.48
CA GLU A 557 -19.21 -0.78 16.06
C GLU A 557 -18.49 0.49 16.49
N GLY A 558 -17.17 0.42 16.68
CA GLY A 558 -16.37 1.60 16.97
C GLY A 558 -15.62 2.06 15.74
N SER A 559 -16.21 1.85 14.57
CA SER A 559 -15.53 2.15 13.32
C SER A 559 -15.18 3.63 13.21
N THR A 560 -16.01 4.52 13.75
CA THR A 560 -15.66 5.94 13.75
C THR A 560 -14.39 6.19 14.55
N LYS A 561 -14.29 5.59 15.73
CA LYS A 561 -13.10 5.73 16.55
C LYS A 561 -11.87 5.17 15.86
N TYR A 562 -12.01 3.99 15.24
CA TYR A 562 -10.89 3.40 14.53
C TYR A 562 -10.49 4.23 13.32
N LEU A 563 -11.46 4.83 12.65
CA LEU A 563 -11.16 5.75 11.55
C LEU A 563 -10.38 6.95 12.03
N ALA A 564 -10.79 7.54 13.16
CA ALA A 564 -10.07 8.67 13.71
C ALA A 564 -8.64 8.27 14.08
N GLU A 565 -8.48 7.12 14.73
CA GLU A 565 -7.15 6.65 15.09
C GLU A 565 -6.29 6.40 13.87
N LEU A 566 -6.86 5.80 12.83
CA LEU A 566 -6.08 5.46 11.66
C LEU A 566 -5.71 6.71 10.86
N VAL A 567 -6.58 7.72 10.83
CA VAL A 567 -6.23 8.98 10.18
C VAL A 567 -5.13 9.68 10.97
N GLU A 568 -5.22 9.66 12.29
CA GLU A 568 -4.16 10.23 13.12
C GLU A 568 -2.84 9.51 12.89
N LEU A 569 -2.89 8.18 12.76
CA LEU A 569 -1.68 7.41 12.48
C LEU A 569 -1.13 7.72 11.10
N ASN A 570 -2.00 7.80 10.10
CA ASN A 570 -1.57 8.16 8.75
C ASN A 570 -0.96 9.55 8.71
N SER A 571 -1.32 10.40 9.66
CA SER A 571 -0.74 11.72 9.74
C SER A 571 0.76 11.68 10.02
N PHE A 572 1.21 10.79 10.91
CA PHE A 572 2.60 10.80 11.37
C PHE A 572 3.35 9.51 11.10
N VAL A 573 2.79 8.59 10.31
CA VAL A 573 3.45 7.30 10.10
C VAL A 573 4.74 7.48 9.32
N LYS A 574 4.76 8.40 8.36
CA LYS A 574 5.93 8.68 7.55
C LYS A 574 6.81 9.78 8.12
N SER A 575 6.44 10.36 9.27
CA SER A 575 7.13 11.53 9.78
C SER A 575 8.39 11.20 10.56
N CYS A 576 8.53 9.98 11.06
CA CYS A 576 9.63 9.62 11.93
C CYS A 576 10.39 8.44 11.35
N SER A 577 11.73 8.52 11.39
CA SER A 577 12.61 7.45 10.95
C SER A 577 13.65 7.23 12.03
N PHE A 578 13.51 6.15 12.79
CA PHE A 578 14.46 5.80 13.85
C PHE A 578 15.68 5.11 13.29
N ASP A 579 16.33 5.77 12.32
CA ASP A 579 17.50 5.21 11.67
C ASP A 579 18.68 5.17 12.64
N ILE A 580 19.48 4.11 12.52
CA ILE A 580 20.60 3.89 13.41
C ILE A 580 21.90 4.24 12.70
N ASN A 581 22.96 4.42 13.49
CA ASN A 581 24.31 4.46 12.94
C ASN A 581 24.56 3.21 12.13
N ALA A 582 25.13 3.39 10.94
CA ALA A 582 25.32 2.27 10.03
C ALA A 582 26.34 1.28 10.58
N LYS A 583 25.89 0.06 10.88
CA LYS A 583 26.77 -0.96 11.43
C LYS A 583 27.72 -1.51 10.36
N ARG A 584 28.67 -2.32 10.83
CA ARG A 584 29.61 -2.96 9.94
C ARG A 584 28.91 -3.90 8.97
N THR A 585 27.96 -4.69 9.49
CA THR A 585 27.19 -5.57 8.61
C THR A 585 26.33 -4.79 7.64
N MET A 586 25.86 -3.61 8.05
CA MET A 586 25.18 -2.73 7.11
C MET A 586 26.11 -2.32 5.99
N TYR A 587 27.35 -1.98 6.32
CA TYR A 587 28.29 -1.59 5.27
C TYR A 587 28.60 -2.76 4.36
N ARG A 588 28.65 -3.97 4.93
CA ARG A 588 28.82 -5.18 4.15
C ARG A 588 27.68 -5.32 3.13
N ASP A 589 26.44 -5.20 3.59
CA ASP A 589 25.31 -5.19 2.67
C ASP A 589 25.46 -4.09 1.63
N ALA A 590 26.02 -2.95 2.03
CA ALA A 590 26.12 -1.82 1.13
C ALA A 590 27.03 -2.11 -0.05
N LEU A 591 28.23 -2.67 0.21
CA LEU A 591 29.06 -2.92 -0.97
C LEU A 591 28.59 -4.15 -1.72
N ASP A 592 28.00 -5.12 -1.00
CA ASP A 592 27.49 -6.30 -1.69
C ASP A 592 26.41 -5.94 -2.69
N ILE A 593 25.52 -5.02 -2.31
CA ILE A 593 24.49 -4.58 -3.24
C ILE A 593 25.08 -3.73 -4.35
N LEU A 594 26.27 -3.16 -4.13
CA LEU A 594 26.85 -2.28 -5.13
C LEU A 594 27.70 -3.02 -6.14
N GLY A 595 28.34 -4.11 -5.73
CA GLY A 595 29.11 -4.93 -6.64
C GLY A 595 30.57 -5.00 -6.25
N ILE A 596 31.11 -6.21 -6.24
CA ILE A 596 32.53 -6.45 -6.01
C ILE A 596 33.01 -7.41 -7.10
N GLU A 597 34.31 -7.33 -7.40
CA GLU A 597 34.90 -8.28 -8.33
C GLU A 597 34.79 -9.69 -7.77
N SER A 598 34.64 -10.66 -8.67
CA SER A 598 34.43 -12.04 -8.25
C SER A 598 35.64 -12.60 -7.50
N ASP A 599 36.84 -12.26 -7.97
CA ASP A 599 38.06 -12.87 -7.44
C ASP A 599 38.31 -12.52 -5.98
N LYS A 600 37.73 -11.44 -5.47
CA LYS A 600 37.98 -11.04 -4.09
C LYS A 600 37.29 -12.01 -3.13
N THR A 601 38.04 -12.48 -2.14
CA THR A 601 37.55 -13.46 -1.18
C THR A 601 36.87 -12.78 -0.02
N GLU A 602 36.32 -13.60 0.88
CA GLU A 602 35.57 -13.07 2.02
C GLU A 602 36.47 -12.24 2.94
N GLU A 603 37.68 -12.72 3.19
CA GLU A 603 38.62 -11.94 3.99
C GLU A 603 39.02 -10.65 3.28
N ASP A 604 39.10 -10.69 1.95
CA ASP A 604 39.40 -9.47 1.20
C ASP A 604 38.27 -8.45 1.35
N ILE A 605 37.02 -8.90 1.29
CA ILE A 605 35.89 -8.00 1.49
C ILE A 605 35.92 -7.45 2.91
N GLU A 606 36.28 -8.29 3.88
CA GLU A 606 36.40 -7.80 5.25
C GLU A 606 37.50 -6.76 5.39
N LYS A 607 38.61 -6.92 4.65
CA LYS A 607 39.66 -5.91 4.69
C LYS A 607 39.21 -4.61 4.04
N MET A 608 38.44 -4.68 2.96
CA MET A 608 37.90 -3.44 2.39
C MET A 608 36.90 -2.79 3.35
N ILE A 609 36.17 -3.58 4.12
CA ILE A 609 35.32 -3.03 5.18
C ILE A 609 36.16 -2.35 6.25
N ASP A 610 37.27 -2.96 6.64
CA ASP A 610 38.18 -2.32 7.58
C ASP A 610 38.69 -1.00 7.03
N ASN A 611 38.99 -0.96 5.73
CA ASN A 611 39.43 0.27 5.10
C ASN A 611 38.35 1.33 5.17
N ILE A 612 37.10 0.96 4.88
CA ILE A 612 35.99 1.91 4.98
C ILE A 612 35.87 2.44 6.40
N LEU A 613 35.83 1.54 7.37
CA LEU A 613 35.58 1.88 8.77
C LEU A 613 36.84 2.25 9.53
N GLN A 614 37.99 2.33 8.85
CA GLN A 614 39.28 2.57 9.49
C GLN A 614 39.51 1.58 10.62
N ILE A 615 39.51 0.30 10.24
CA ILE A 615 39.70 -0.82 11.16
C ILE A 615 38.63 -0.80 12.25
N LYS A 624 45.76 10.52 12.35
CA LYS A 624 45.11 10.78 11.08
C LYS A 624 44.08 9.70 10.76
N LYS A 625 43.05 10.08 10.01
CA LYS A 625 41.91 9.23 9.70
C LYS A 625 41.05 9.93 8.66
N ASN A 626 40.40 9.14 7.81
CA ASN A 626 39.58 9.68 6.73
C ASN A 626 38.33 8.82 6.61
N ASN A 627 37.20 9.34 7.08
CA ASN A 627 35.91 8.68 6.96
C ASN A 627 35.13 9.11 5.73
N GLY A 628 35.83 9.57 4.69
CA GLY A 628 35.13 10.08 3.52
C GLY A 628 34.36 9.01 2.77
N LEU A 629 35.03 7.92 2.42
CA LEU A 629 34.36 6.81 1.76
C LEU A 629 33.32 6.16 2.66
N ARG A 630 33.63 6.05 3.96
CA ARG A 630 32.66 5.56 4.94
C ARG A 630 31.37 6.35 4.87
N ASN A 631 31.47 7.68 4.97
CA ASN A 631 30.29 8.53 4.96
C ASN A 631 29.61 8.54 3.61
N PHE A 632 30.36 8.45 2.51
CA PHE A 632 29.75 8.36 1.20
C PHE A 632 28.89 7.11 1.08
N ILE A 633 29.41 5.97 1.52
CA ILE A 633 28.66 4.73 1.45
C ILE A 633 27.44 4.80 2.37
N ALA A 634 27.60 5.38 3.55
CA ALA A 634 26.47 5.49 4.47
C ALA A 634 25.35 6.36 3.90
N SER A 635 25.71 7.54 3.40
CA SER A 635 24.69 8.48 2.94
C SER A 635 24.06 8.02 1.65
N ASN A 636 24.87 7.61 0.67
CA ASN A 636 24.34 7.29 -0.65
C ASN A 636 23.69 5.92 -0.71
N VAL A 637 24.18 4.95 0.06
CA VAL A 637 23.67 3.59 -0.05
C VAL A 637 22.82 3.26 1.17
N ILE A 638 23.42 3.29 2.35
CA ILE A 638 22.70 2.84 3.54
C ILE A 638 21.48 3.71 3.81
N ASP A 639 21.64 5.03 3.70
CA ASP A 639 20.54 5.93 4.01
C ASP A 639 19.56 6.12 2.87
N SER A 640 19.88 5.59 1.68
CA SER A 640 18.94 5.66 0.57
C SER A 640 17.77 4.71 0.84
N ASN A 641 16.55 5.25 0.83
CA ASN A 641 15.37 4.42 1.05
C ASN A 641 15.20 3.41 -0.07
N ARG A 642 15.76 3.70 -1.24
CA ARG A 642 15.81 2.71 -2.31
C ARG A 642 16.57 1.48 -1.85
N PHE A 643 17.80 1.68 -1.36
CA PHE A 643 18.55 0.57 -0.78
C PHE A 643 17.87 0.04 0.47
N LYS A 644 17.28 0.93 1.27
CA LYS A 644 16.56 0.45 2.45
C LYS A 644 15.45 -0.50 2.04
N TYR A 645 14.71 -0.16 0.99
CA TYR A 645 13.69 -1.06 0.47
C TYR A 645 14.31 -2.36 -0.01
N LEU A 646 15.42 -2.25 -0.75
CA LEU A 646 16.05 -3.40 -1.39
C LEU A 646 16.56 -4.40 -0.37
N VAL A 647 17.09 -3.95 0.76
CA VAL A 647 17.45 -4.86 1.83
C VAL A 647 16.27 -5.22 2.71
N ARG A 648 15.17 -4.46 2.64
CA ARG A 648 13.95 -4.92 3.29
C ARG A 648 13.42 -6.18 2.62
N TYR A 649 13.45 -6.21 1.28
CA TYR A 649 12.85 -7.31 0.54
C TYR A 649 13.81 -7.99 -0.44
N GLY A 650 15.09 -8.06 -0.14
CA GLY A 650 16.02 -8.74 -1.01
C GLY A 650 17.41 -8.78 -0.42
N ASN A 651 18.06 -9.92 -0.57
CA ASN A 651 19.46 -10.01 -0.20
C ASN A 651 20.27 -9.09 -1.10
N PRO A 652 21.23 -8.34 -0.54
CA PRO A 652 22.00 -7.42 -1.39
C PRO A 652 22.73 -8.12 -2.53
N LYS A 653 23.29 -9.31 -2.28
CA LYS A 653 23.95 -10.04 -3.35
C LYS A 653 22.95 -10.47 -4.42
N LYS A 654 21.76 -10.90 -4.01
CA LYS A 654 20.73 -11.28 -4.97
C LYS A 654 20.32 -10.08 -5.82
N ILE A 655 20.16 -8.91 -5.19
CA ILE A 655 19.80 -7.71 -5.95
C ILE A 655 20.92 -7.35 -6.89
N ARG A 656 22.17 -7.49 -6.45
CA ARG A 656 23.30 -7.18 -7.32
C ARG A 656 23.33 -8.10 -8.54
N GLU A 657 23.06 -9.39 -8.32
CA GLU A 657 22.99 -10.32 -9.44
C GLU A 657 21.86 -9.94 -10.39
N THR A 658 20.68 -9.61 -9.83
CA THR A 658 19.57 -9.20 -10.66
C THR A 658 19.83 -7.88 -11.37
N ALA A 659 20.84 -7.12 -10.94
CA ALA A 659 21.20 -5.92 -11.68
C ALA A 659 21.87 -6.23 -13.00
N LYS A 660 22.22 -7.49 -13.25
CA LYS A 660 22.99 -7.84 -14.44
C LYS A 660 22.13 -8.25 -15.63
N CYS A 661 20.82 -8.39 -15.46
CA CYS A 661 19.95 -8.74 -16.58
C CYS A 661 19.62 -7.48 -17.37
N LYS A 662 20.29 -7.32 -18.50
CA LYS A 662 20.11 -6.12 -19.32
C LYS A 662 18.67 -5.89 -19.73
N PRO A 663 17.91 -6.86 -20.22
CA PRO A 663 16.50 -6.57 -20.56
C PRO A 663 15.68 -6.06 -19.39
N ALA A 664 15.81 -6.67 -18.21
CA ALA A 664 14.97 -6.28 -17.09
C ALA A 664 15.37 -4.93 -16.52
N VAL A 665 16.67 -4.63 -16.50
CA VAL A 665 17.09 -3.30 -16.04
C VAL A 665 16.72 -2.24 -17.08
N ARG A 666 16.90 -2.56 -18.36
CA ARG A 666 16.53 -1.63 -19.42
C ARG A 666 15.04 -1.33 -19.40
N PHE A 667 14.23 -2.31 -19.01
CA PHE A 667 12.78 -2.08 -18.95
C PHE A 667 12.43 -1.00 -17.94
N VAL A 668 13.07 -1.01 -16.77
CA VAL A 668 12.90 0.10 -15.85
C VAL A 668 13.50 1.37 -16.43
N LEU A 669 14.59 1.23 -17.20
CA LEU A 669 15.24 2.40 -17.78
C LEU A 669 14.31 3.19 -18.68
N ASN A 670 13.53 2.51 -19.53
CA ASN A 670 12.59 3.24 -20.37
C ASN A 670 11.22 3.37 -19.74
N GLU A 671 11.06 2.97 -18.49
CA GLU A 671 9.88 3.32 -17.71
C GLU A 671 10.06 4.65 -16.99
N ILE A 672 11.27 4.96 -16.56
CA ILE A 672 11.59 6.24 -15.94
C ILE A 672 11.57 7.29 -17.04
N PRO A 673 10.78 8.35 -16.90
CA PRO A 673 10.63 9.31 -18.00
C PRO A 673 11.89 10.10 -18.25
N ASP A 674 11.86 10.88 -19.32
CA ASP A 674 13.01 11.71 -19.67
C ASP A 674 13.29 12.74 -18.58
N ALA A 675 12.23 13.30 -17.99
CA ALA A 675 12.41 14.30 -16.94
C ALA A 675 13.18 13.73 -15.76
N GLN A 676 12.96 12.46 -15.44
CA GLN A 676 13.69 11.81 -14.35
C GLN A 676 14.95 11.10 -14.82
N ILE A 677 15.21 11.06 -16.12
CA ILE A 677 16.44 10.47 -16.63
C ILE A 677 17.54 11.53 -16.79
N GLU A 678 17.18 12.72 -17.28
CA GLU A 678 18.15 13.80 -17.29
C GLU A 678 18.66 14.15 -15.91
N ARG A 679 17.86 13.95 -14.85
CA ARG A 679 18.35 14.19 -13.50
C ARG A 679 19.63 13.42 -13.21
N TYR A 680 19.71 12.17 -13.70
CA TYR A 680 20.92 11.39 -13.53
C TYR A 680 21.96 11.68 -14.61
N TYR A 681 21.51 11.89 -15.85
CA TYR A 681 22.49 12.00 -16.94
C TYR A 681 23.23 13.34 -16.90
N GLU A 682 22.61 14.39 -16.36
CA GLU A 682 23.31 15.67 -16.25
C GLU A 682 24.54 15.56 -15.37
N ALA A 683 24.60 14.55 -14.51
CA ALA A 683 25.78 14.29 -13.70
C ALA A 683 26.63 13.13 -14.20
N CYS A 684 26.01 12.14 -14.87
CA CYS A 684 26.74 10.99 -15.37
C CYS A 684 27.30 11.20 -16.78
N CYS A 685 27.07 12.35 -17.39
CA CYS A 685 27.56 12.61 -18.74
C CYS A 685 29.04 13.02 -18.76
N PRO A 686 29.47 14.00 -17.93
CA PRO A 686 30.88 14.38 -18.07
C PRO A 686 31.81 13.45 -17.29
N CYS A 692 23.55 11.44 -27.74
CA CYS A 692 22.72 12.58 -27.37
C CYS A 692 21.26 12.17 -27.24
N SER A 693 20.85 11.20 -28.04
CA SER A 693 19.46 10.74 -28.04
C SER A 693 19.13 10.02 -26.74
N ALA A 694 17.86 10.09 -26.36
CA ALA A 694 17.43 9.50 -25.09
C ALA A 694 17.59 7.98 -25.09
N ASN A 695 17.44 7.34 -26.25
CA ASN A 695 17.66 5.90 -26.33
C ASN A 695 19.09 5.54 -25.96
N LYS A 696 20.05 6.24 -26.58
CA LYS A 696 21.45 6.04 -26.21
C LYS A 696 21.70 6.39 -24.75
N ARG A 697 21.03 7.43 -24.25
CA ARG A 697 21.27 7.85 -22.87
C ARG A 697 20.84 6.76 -21.90
N ARG A 698 19.65 6.21 -22.12
CA ARG A 698 19.17 5.09 -21.30
C ARG A 698 20.03 3.85 -21.49
N GLU A 699 20.51 3.58 -22.71
CA GLU A 699 21.36 2.43 -22.92
C GLU A 699 22.65 2.53 -22.11
N LYS A 700 23.29 3.71 -22.14
CA LYS A 700 24.52 3.85 -21.37
C LYS A 700 24.25 3.85 -19.87
N LEU A 701 23.10 4.39 -19.46
CA LEU A 701 22.75 4.37 -18.05
C LEU A 701 22.56 2.93 -17.57
N ALA A 702 21.91 2.10 -18.38
CA ALA A 702 21.75 0.69 -18.07
C ALA A 702 23.08 -0.04 -18.09
N ASP A 703 23.97 0.33 -19.00
CA ASP A 703 25.31 -0.23 -19.02
C ASP A 703 26.04 0.08 -17.72
N MET A 704 25.90 1.32 -17.22
CA MET A 704 26.46 1.67 -15.93
C MET A 704 25.84 0.88 -14.80
N ILE A 705 24.53 0.62 -14.85
CA ILE A 705 23.90 -0.19 -13.83
C ILE A 705 24.42 -1.62 -13.87
N ALA A 706 24.73 -2.13 -15.05
CA ALA A 706 25.27 -3.48 -15.17
C ALA A 706 26.72 -3.58 -14.74
N GLU A 707 27.52 -2.54 -15.03
CA GLU A 707 28.94 -2.51 -14.71
C GLU A 707 29.25 -1.68 -13.46
N ILE A 708 28.41 -1.72 -12.45
CA ILE A 708 28.62 -0.92 -11.25
C ILE A 708 29.28 -1.80 -10.19
N LYS A 709 30.21 -1.22 -9.44
CA LYS A 709 30.89 -1.93 -8.37
C LYS A 709 31.41 -0.92 -7.35
N PHE A 710 31.77 -1.42 -6.17
CA PHE A 710 32.34 -0.57 -5.14
C PHE A 710 33.60 0.12 -5.66
N GLU A 711 34.50 -0.64 -6.27
CA GLU A 711 35.81 -0.09 -6.63
C GLU A 711 35.70 1.09 -7.57
N ASN A 712 34.56 1.27 -8.24
CA ASN A 712 34.32 2.52 -8.96
C ASN A 712 34.08 3.68 -8.00
N PHE A 713 33.68 3.41 -6.76
CA PHE A 713 33.44 4.44 -5.76
C PHE A 713 34.45 4.37 -4.61
N SER A 714 35.46 3.52 -4.72
CA SER A 714 36.39 3.33 -3.61
C SER A 714 37.20 4.57 -3.30
N ASP A 715 37.31 5.51 -4.24
CA ASP A 715 38.03 6.75 -4.03
C ASP A 715 37.16 7.84 -3.42
N ALA A 716 36.00 7.47 -2.85
CA ALA A 716 35.07 8.46 -2.31
C ALA A 716 35.61 9.15 -1.07
N GLY A 717 36.68 8.64 -0.47
CA GLY A 717 37.30 9.35 0.64
C GLY A 717 37.91 10.68 0.24
N ASN A 718 38.06 10.94 -1.06
CA ASN A 718 38.68 12.16 -1.54
C ASN A 718 37.65 13.26 -1.79
N TYR A 719 36.49 12.92 -2.36
CA TYR A 719 35.54 13.94 -2.78
C TYR A 719 34.27 13.97 -1.94
N GLN A 720 34.13 13.08 -0.95
CA GLN A 720 32.94 13.13 -0.11
C GLN A 720 32.89 14.42 0.70
N LYS A 721 34.05 14.87 1.18
CA LYS A 721 34.09 16.10 1.96
C LYS A 721 33.69 17.32 1.13
N ALA A 722 33.67 17.20 -0.19
CA ALA A 722 33.27 18.31 -1.03
C ALA A 722 31.76 18.55 -0.92
N ASN A 723 31.35 19.76 -1.29
CA ASN A 723 29.94 20.15 -1.24
C ASN A 723 29.35 20.01 -2.62
N VAL A 724 28.28 19.23 -2.73
CA VAL A 724 27.71 18.88 -4.04
C VAL A 724 27.31 20.12 -4.82
N THR A 725 26.90 21.18 -4.11
CA THR A 725 26.43 22.40 -4.76
C THR A 725 27.57 23.21 -5.38
N SER A 726 28.81 22.93 -5.02
CA SER A 726 29.92 23.73 -5.51
C SER A 726 30.31 23.33 -6.92
N ARG A 727 31.30 24.02 -7.46
CA ARG A 727 31.76 23.82 -8.83
C ARG A 727 33.15 23.19 -8.86
N THR A 728 33.67 22.78 -7.71
CA THR A 728 34.94 22.07 -7.70
C THR A 728 34.80 20.72 -8.39
N SER A 729 35.88 20.28 -9.04
CA SER A 729 35.86 19.01 -9.74
C SER A 729 35.64 17.84 -8.79
N GLU A 730 36.13 17.94 -7.55
CA GLU A 730 35.85 16.89 -6.57
C GLU A 730 34.35 16.78 -6.31
N ALA A 731 33.68 17.92 -6.14
CA ALA A 731 32.24 17.93 -5.97
C ALA A 731 31.50 17.43 -7.21
N GLU A 732 31.99 17.77 -8.40
CA GLU A 732 31.37 17.28 -9.63
C GLU A 732 31.44 15.77 -9.72
N ILE A 733 32.61 15.20 -9.41
CA ILE A 733 32.73 13.74 -9.44
C ILE A 733 31.90 13.12 -8.33
N LYS A 734 31.81 13.78 -7.18
CA LYS A 734 30.94 13.29 -6.11
C LYS A 734 29.49 13.21 -6.56
N ARG A 735 29.01 14.27 -7.22
CA ARG A 735 27.63 14.25 -7.71
C ARG A 735 27.45 13.23 -8.82
N LYS A 736 28.49 12.99 -9.61
CA LYS A 736 28.42 11.95 -10.63
C LYS A 736 28.25 10.57 -10.00
N ASN A 737 29.05 10.27 -8.98
CA ASN A 737 28.91 8.99 -8.28
C ASN A 737 27.58 8.90 -7.56
N GLN A 738 27.09 10.00 -7.00
CA GLN A 738 25.79 10.00 -6.37
C GLN A 738 24.70 9.69 -7.38
N ALA A 739 24.78 10.28 -8.57
CA ALA A 739 23.81 9.99 -9.62
C ALA A 739 23.86 8.53 -10.02
N ILE A 740 25.06 7.96 -10.15
CA ILE A 740 25.19 6.55 -10.52
C ILE A 740 24.57 5.66 -9.45
N ILE A 741 24.93 5.88 -8.19
CA ILE A 741 24.45 5.01 -7.12
C ILE A 741 22.95 5.16 -6.94
N ARG A 742 22.45 6.39 -7.00
CA ARG A 742 21.01 6.62 -6.86
C ARG A 742 20.24 5.99 -8.01
N LEU A 743 20.75 6.12 -9.24
CA LEU A 743 20.10 5.50 -10.39
C LEU A 743 20.04 3.98 -10.23
N TYR A 744 21.16 3.37 -9.86
CA TYR A 744 21.18 1.92 -9.72
C TYR A 744 20.24 1.45 -8.63
N LEU A 745 20.32 2.08 -7.46
CA LEU A 745 19.48 1.69 -6.33
C LEU A 745 18.01 1.94 -6.64
N THR A 746 17.70 3.01 -7.36
CA THR A 746 16.32 3.33 -7.69
C THR A 746 15.76 2.37 -8.74
N VAL A 747 16.59 1.98 -9.72
CA VAL A 747 16.12 1.02 -10.72
C VAL A 747 15.84 -0.33 -10.06
N MET A 748 16.76 -0.78 -9.21
CA MET A 748 16.53 -2.03 -8.49
C MET A 748 15.33 -1.90 -7.56
N TYR A 749 15.16 -0.72 -6.95
CA TYR A 749 14.02 -0.46 -6.09
C TYR A 749 12.71 -0.58 -6.87
N ILE A 750 12.67 0.01 -8.06
CA ILE A 750 11.47 -0.03 -8.88
C ILE A 750 11.16 -1.47 -9.28
N MET A 751 12.18 -2.21 -9.74
CA MET A 751 11.97 -3.60 -10.10
C MET A 751 11.42 -4.40 -8.93
N LEU A 752 12.08 -4.33 -7.78
CA LEU A 752 11.67 -5.14 -6.64
C LEU A 752 10.31 -4.71 -6.11
N LYS A 753 10.04 -3.40 -6.07
CA LYS A 753 8.76 -2.92 -5.57
C LYS A 753 7.63 -3.34 -6.48
N ASN A 754 7.82 -3.25 -7.79
CA ASN A 754 6.79 -3.66 -8.71
C ASN A 754 6.57 -5.17 -8.64
N LEU A 755 7.65 -5.94 -8.51
CA LEU A 755 7.50 -7.38 -8.36
C LEU A 755 6.74 -7.73 -7.09
N VAL A 756 7.07 -7.05 -5.99
CA VAL A 756 6.39 -7.31 -4.73
C VAL A 756 4.93 -6.88 -4.79
N ASN A 757 4.64 -5.81 -5.52
CA ASN A 757 3.26 -5.37 -5.70
C ASN A 757 2.46 -6.39 -6.52
N VAL A 758 3.06 -6.90 -7.60
CA VAL A 758 2.39 -7.91 -8.40
C VAL A 758 2.15 -9.16 -7.57
N ASN A 759 3.14 -9.58 -6.79
CA ASN A 759 2.92 -10.69 -5.87
C ASN A 759 1.88 -10.36 -4.81
N ALA A 760 1.77 -9.08 -4.44
CA ALA A 760 0.77 -8.66 -3.49
C ALA A 760 -0.63 -8.87 -4.04
N ARG A 761 -0.82 -8.56 -5.32
CA ARG A 761 -2.11 -8.85 -5.93
C ARG A 761 -2.45 -10.35 -5.89
N TYR A 762 -1.46 -11.22 -6.08
CA TYR A 762 -1.75 -12.65 -6.04
C TYR A 762 -1.92 -13.17 -4.62
N VAL A 763 -1.30 -12.54 -3.62
CA VAL A 763 -1.62 -12.96 -2.26
C VAL A 763 -3.00 -12.44 -1.86
N ILE A 764 -3.44 -11.30 -2.43
CA ILE A 764 -4.86 -10.96 -2.34
C ILE A 764 -5.70 -12.08 -2.93
N ALA A 765 -5.31 -12.54 -4.11
CA ALA A 765 -6.09 -13.56 -4.80
C ALA A 765 -6.20 -14.83 -3.96
N PHE A 766 -5.10 -15.26 -3.36
CA PHE A 766 -5.10 -16.48 -2.57
C PHE A 766 -5.77 -16.30 -1.22
N HIS A 767 -5.65 -15.12 -0.62
CA HIS A 767 -6.43 -14.81 0.57
C HIS A 767 -7.92 -14.89 0.26
N CYS A 768 -8.32 -14.34 -0.89
CA CYS A 768 -9.71 -14.42 -1.31
C CYS A 768 -10.13 -15.86 -1.56
N VAL A 769 -9.24 -16.66 -2.16
CA VAL A 769 -9.55 -18.07 -2.37
C VAL A 769 -9.82 -18.76 -1.04
N GLU A 770 -8.91 -18.59 -0.08
CA GLU A 770 -9.06 -19.27 1.20
C GLU A 770 -10.27 -18.76 1.97
N ARG A 771 -10.54 -17.46 1.92
CA ARG A 771 -11.69 -16.91 2.64
C ARG A 771 -13.00 -17.35 2.01
N ASP A 772 -13.11 -17.22 0.69
CA ASP A 772 -14.32 -17.62 -0.01
C ASP A 772 -14.55 -19.11 0.09
N THR A 773 -13.50 -19.90 0.29
CA THR A 773 -13.71 -21.32 0.55
C THR A 773 -14.55 -21.52 1.80
N LYS A 774 -14.18 -20.89 2.90
CA LYS A 774 -14.95 -21.02 4.14
C LYS A 774 -16.32 -20.37 4.00
N LEU A 775 -16.40 -19.24 3.29
CA LEU A 775 -17.69 -18.59 3.11
C LEU A 775 -18.66 -19.49 2.33
N TYR A 776 -18.18 -20.10 1.24
CA TYR A 776 -19.03 -20.98 0.45
C TYR A 776 -19.36 -22.27 1.22
N ALA A 777 -18.42 -22.76 2.03
CA ALA A 777 -18.72 -23.91 2.86
C ALA A 777 -19.84 -23.59 3.84
N GLU A 778 -19.82 -22.39 4.41
CA GLU A 778 -20.96 -21.94 5.21
C GLU A 778 -22.23 -21.83 4.36
N SER A 779 -22.10 -21.39 3.12
CA SER A 779 -23.23 -21.27 2.20
C SER A 779 -23.72 -22.60 1.70
N GLY A 780 -23.24 -23.72 2.22
CA GLY A 780 -23.70 -25.03 1.78
C GLY A 780 -23.07 -25.55 0.52
N LEU A 781 -22.05 -24.87 -0.01
CA LEU A 781 -21.36 -25.36 -1.19
C LEU A 781 -20.41 -26.49 -0.80
N GLU A 782 -20.33 -27.50 -1.66
CA GLU A 782 -19.47 -28.66 -1.42
C GLU A 782 -18.11 -28.39 -2.06
N VAL A 783 -17.22 -27.80 -1.28
CA VAL A 783 -15.90 -27.44 -1.77
C VAL A 783 -14.81 -28.40 -1.27
N GLY A 784 -14.91 -28.84 -0.02
CA GLY A 784 -13.90 -29.74 0.51
C GLY A 784 -12.63 -29.02 0.89
N ASN A 785 -11.58 -29.81 1.13
CA ASN A 785 -10.32 -29.30 1.60
C ASN A 785 -9.59 -28.55 0.49
N ILE A 786 -9.15 -27.33 0.77
CA ILE A 786 -8.47 -26.51 -0.21
C ILE A 786 -6.96 -26.43 0.02
N GLU A 787 -6.48 -26.82 1.20
CA GLU A 787 -5.03 -26.92 1.39
C GLU A 787 -4.44 -27.96 0.43
N LYS A 788 -5.12 -29.10 0.27
CA LYS A 788 -4.64 -30.12 -0.64
C LYS A 788 -4.67 -29.64 -2.08
N ASN A 789 -5.76 -29.01 -2.50
CA ASN A 789 -5.89 -28.51 -3.87
C ASN A 789 -6.54 -27.14 -3.82
N LYS A 790 -5.84 -26.13 -4.34
CA LYS A 790 -6.37 -24.78 -4.27
C LYS A 790 -7.46 -24.52 -5.30
N THR A 791 -7.60 -25.39 -6.30
CA THR A 791 -8.68 -25.28 -7.26
C THR A 791 -9.97 -25.92 -6.77
N ASN A 792 -10.01 -26.40 -5.53
CA ASN A 792 -11.22 -26.99 -5.00
C ASN A 792 -12.37 -25.99 -5.01
N LEU A 793 -12.09 -24.71 -4.73
CA LEU A 793 -13.15 -23.72 -4.67
C LEU A 793 -13.75 -23.45 -6.04
N THR A 794 -12.90 -23.25 -7.05
CA THR A 794 -13.44 -23.01 -8.39
C THR A 794 -14.14 -24.24 -8.92
N MET A 795 -13.61 -25.43 -8.63
CA MET A 795 -14.29 -26.65 -9.04
C MET A 795 -15.66 -26.77 -8.39
N ALA A 796 -15.75 -26.44 -7.10
CA ALA A 796 -17.03 -26.49 -6.41
C ALA A 796 -18.01 -25.49 -6.97
N VAL A 797 -17.55 -24.29 -7.28
CA VAL A 797 -18.41 -23.27 -7.85
C VAL A 797 -18.94 -23.71 -9.21
N MET A 798 -18.05 -24.22 -10.07
CA MET A 798 -18.47 -24.69 -11.38
C MET A 798 -19.23 -26.00 -11.32
N GLY A 799 -19.25 -26.67 -10.17
CA GLY A 799 -19.96 -27.92 -10.04
C GLY A 799 -19.23 -29.13 -10.55
N VAL A 800 -18.01 -28.98 -11.02
CA VAL A 800 -17.24 -30.10 -11.54
C VAL A 800 -16.43 -30.73 -10.42
N LYS A 801 -16.15 -32.02 -10.56
CA LYS A 801 -15.30 -32.75 -9.64
C LYS A 801 -14.31 -33.60 -10.45
N LEU A 802 -13.07 -33.62 -9.99
CA LEU A 802 -12.07 -34.47 -10.63
C LEU A 802 -12.46 -35.93 -10.44
N GLU A 803 -12.37 -36.71 -11.52
CA GLU A 803 -12.79 -38.11 -11.48
C GLU A 803 -11.66 -39.03 -11.02
N ASN A 804 -10.55 -39.04 -11.75
CA ASN A 804 -9.37 -39.81 -11.36
C ASN A 804 -8.17 -38.89 -11.30
N GLY A 805 -8.36 -37.70 -10.74
CA GLY A 805 -7.35 -36.66 -10.72
C GLY A 805 -7.51 -35.64 -11.83
N ILE A 806 -8.23 -36.01 -12.89
CA ILE A 806 -8.51 -35.10 -13.99
C ILE A 806 -10.00 -34.77 -13.96
N ILE A 807 -10.35 -33.59 -14.46
CA ILE A 807 -11.74 -33.16 -14.55
C ILE A 807 -12.33 -33.79 -15.82
N LYS A 808 -13.17 -34.81 -15.64
CA LYS A 808 -13.75 -35.52 -16.77
C LYS A 808 -15.10 -34.96 -17.20
N THR A 809 -15.67 -34.04 -16.44
CA THR A 809 -16.91 -33.40 -16.85
C THR A 809 -16.65 -32.48 -18.03
N GLU A 810 -17.43 -32.64 -19.09
CA GLU A 810 -17.26 -31.82 -20.28
C GLU A 810 -17.98 -30.48 -20.08
N PHE A 811 -18.18 -29.75 -21.16
CA PHE A 811 -18.78 -28.43 -21.12
C PHE A 811 -20.19 -28.48 -21.70
N ASP A 812 -21.14 -27.90 -20.98
CA ASP A 812 -22.50 -27.74 -21.49
C ASP A 812 -23.13 -26.56 -20.77
N LYS A 813 -24.22 -26.06 -21.33
CA LYS A 813 -24.85 -24.84 -20.81
C LYS A 813 -25.40 -25.05 -19.41
N SER A 814 -25.75 -26.29 -19.06
CA SER A 814 -26.39 -26.54 -17.77
C SER A 814 -25.44 -26.24 -16.62
N PHE A 815 -24.20 -26.70 -16.70
CA PHE A 815 -23.25 -26.40 -15.64
C PHE A 815 -22.93 -24.92 -15.56
N ALA A 816 -22.90 -24.24 -16.71
CA ALA A 816 -22.67 -22.80 -16.70
C ALA A 816 -23.82 -22.07 -15.99
N GLU A 817 -25.05 -22.47 -16.28
CA GLU A 817 -26.21 -21.77 -15.71
C GLU A 817 -26.51 -22.17 -14.28
N ASN A 818 -25.99 -23.30 -13.81
CA ASN A 818 -26.20 -23.73 -12.43
C ASN A 818 -24.95 -23.56 -11.58
N ALA A 819 -24.13 -22.56 -11.89
CA ALA A 819 -22.95 -22.28 -11.09
C ALA A 819 -23.35 -21.73 -9.71
N ALA A 820 -22.38 -21.73 -8.80
CA ALA A 820 -22.62 -21.29 -7.43
C ALA A 820 -22.46 -19.79 -7.24
N ASN A 821 -22.08 -19.05 -8.28
CA ASN A 821 -21.99 -17.61 -8.17
C ASN A 821 -22.31 -16.97 -9.51
N ARG A 822 -22.52 -15.65 -9.47
CA ARG A 822 -22.91 -14.90 -10.66
C ARG A 822 -21.80 -14.86 -11.71
N TYR A 823 -20.54 -14.95 -11.29
CA TYR A 823 -19.43 -14.79 -12.23
C TYR A 823 -19.44 -15.87 -13.29
N LEU A 824 -19.69 -17.12 -12.90
CA LEU A 824 -19.60 -18.25 -13.80
C LEU A 824 -20.94 -18.65 -14.38
N ARG A 825 -21.97 -17.82 -14.20
CA ARG A 825 -23.24 -18.08 -14.86
C ARG A 825 -23.15 -17.93 -16.37
N ASN A 826 -22.07 -17.33 -16.87
CA ASN A 826 -21.90 -17.17 -18.30
C ASN A 826 -21.17 -18.38 -18.88
N ALA A 827 -21.57 -18.79 -20.08
CA ALA A 827 -21.06 -20.03 -20.65
C ALA A 827 -19.62 -19.86 -21.15
N ARG A 828 -19.30 -18.71 -21.75
CA ARG A 828 -18.01 -18.55 -22.41
C ARG A 828 -16.86 -18.67 -21.43
N TRP A 829 -16.91 -17.89 -20.36
CA TRP A 829 -15.82 -17.92 -19.40
C TRP A 829 -15.88 -19.13 -18.48
N TYR A 830 -17.06 -19.72 -18.30
CA TYR A 830 -17.11 -21.03 -17.67
C TYR A 830 -16.32 -22.05 -18.48
N LYS A 831 -16.52 -22.07 -19.80
CA LYS A 831 -15.78 -22.99 -20.64
C LYS A 831 -14.28 -22.71 -20.58
N LEU A 832 -13.91 -21.43 -20.63
CA LEU A 832 -12.49 -21.09 -20.58
C LEU A 832 -11.85 -21.52 -19.26
N ILE A 833 -12.54 -21.28 -18.14
CA ILE A 833 -11.99 -21.64 -16.84
C ILE A 833 -11.97 -23.15 -16.68
N LEU A 834 -12.97 -23.86 -17.22
CA LEU A 834 -12.92 -25.32 -17.20
C LEU A 834 -11.73 -25.84 -17.99
N ASP A 835 -11.50 -25.29 -19.18
CA ASP A 835 -10.38 -25.74 -20.00
C ASP A 835 -9.05 -25.47 -19.31
N ASN A 836 -8.93 -24.32 -18.66
CA ASN A 836 -7.69 -24.00 -17.95
C ASN A 836 -7.54 -24.80 -16.67
N LEU A 837 -8.65 -25.19 -16.03
CA LEU A 837 -8.59 -26.09 -14.90
C LEU A 837 -8.09 -27.46 -15.33
N LYS A 838 -8.57 -27.96 -16.47
CA LYS A 838 -8.09 -29.25 -16.94
C LYS A 838 -6.61 -29.20 -17.32
N LYS A 839 -6.08 -28.01 -17.56
CA LYS A 839 -4.68 -27.86 -17.94
C LYS A 839 -3.75 -27.58 -16.77
N SER A 840 -4.28 -27.47 -15.55
CA SER A 840 -3.47 -27.24 -14.37
C SER A 840 -3.20 -28.55 -13.64
N GLU A 841 -2.44 -28.48 -12.55
CA GLU A 841 -2.27 -29.64 -11.68
C GLU A 841 -2.15 -29.20 -10.24
N ARG A 842 -2.48 -30.13 -9.35
CA ARG A 842 -2.56 -29.84 -7.92
C ARG A 842 -1.21 -29.39 -7.37
N ALA A 843 -0.14 -30.11 -7.71
CA ALA A 843 1.17 -29.78 -7.16
C ALA A 843 1.67 -28.43 -7.65
N VAL A 844 1.51 -28.15 -8.94
CA VAL A 844 1.96 -26.87 -9.48
C VAL A 844 1.16 -25.72 -8.88
N VAL A 845 -0.16 -25.91 -8.74
CA VAL A 845 -0.98 -24.85 -8.15
C VAL A 845 -0.61 -24.61 -6.70
N ASN A 846 -0.38 -25.70 -5.94
CA ASN A 846 0.05 -25.53 -4.56
C ASN A 846 1.40 -24.83 -4.47
N GLU A 847 2.33 -25.17 -5.36
CA GLU A 847 3.62 -24.50 -5.37
C GLU A 847 3.51 -23.03 -5.75
N PHE A 848 2.61 -22.70 -6.66
CA PHE A 848 2.36 -21.30 -6.98
C PHE A 848 1.81 -20.55 -5.78
N ARG A 849 0.87 -21.16 -5.05
CA ARG A 849 0.37 -20.53 -3.84
C ARG A 849 1.49 -20.32 -2.84
N ASN A 850 2.35 -21.33 -2.66
CA ASN A 850 3.43 -21.22 -1.69
C ASN A 850 4.43 -20.14 -2.07
N THR A 851 4.82 -20.09 -3.35
CA THR A 851 5.77 -19.08 -3.78
C THR A 851 5.17 -17.70 -3.89
N VAL A 852 3.83 -17.58 -3.86
CA VAL A 852 3.17 -16.29 -3.79
C VAL A 852 3.07 -15.80 -2.34
N CYS A 853 2.56 -16.65 -1.46
CA CYS A 853 2.40 -16.25 -0.06
C CYS A 853 3.74 -16.09 0.64
N HIS A 854 4.64 -17.06 0.47
CA HIS A 854 5.96 -17.00 1.09
C HIS A 854 6.93 -16.13 0.32
N LEU A 855 6.53 -15.63 -0.84
CA LEU A 855 7.32 -14.69 -1.64
C LEU A 855 8.68 -15.28 -2.00
N ASN A 856 8.70 -16.59 -2.27
CA ASN A 856 9.94 -17.24 -2.68
C ASN A 856 10.37 -16.81 -4.07
N ALA A 857 9.40 -16.46 -4.93
CA ALA A 857 9.75 -16.01 -6.29
C ALA A 857 10.63 -14.78 -6.25
N ILE A 858 10.36 -13.87 -5.31
CA ILE A 858 11.23 -12.71 -5.11
C ILE A 858 12.43 -13.07 -4.24
N ARG A 859 12.24 -13.95 -3.25
CA ARG A 859 13.35 -14.37 -2.40
C ARG A 859 14.48 -14.98 -3.20
N ASN A 860 14.18 -15.52 -4.38
CA ASN A 860 15.17 -16.11 -5.27
C ASN A 860 15.13 -15.43 -6.63
N ILE A 861 15.07 -14.10 -6.63
CA ILE A 861 14.85 -13.36 -7.87
C ILE A 861 16.04 -13.53 -8.81
N ASN A 862 17.26 -13.60 -8.27
CA ASN A 862 18.45 -13.66 -9.10
C ASN A 862 18.48 -14.91 -9.97
N ILE A 863 18.11 -16.06 -9.40
CA ILE A 863 18.14 -17.28 -10.18
C ILE A 863 16.87 -17.44 -11.02
N ASN A 864 15.77 -16.81 -10.60
CA ASN A 864 14.51 -16.89 -11.32
C ASN A 864 14.42 -15.90 -12.46
N ILE A 865 15.48 -15.11 -12.70
CA ILE A 865 15.51 -14.11 -13.76
C ILE A 865 16.69 -14.32 -14.70
N LYS A 866 17.36 -15.47 -14.60
CA LYS A 866 18.65 -15.65 -15.27
C LYS A 866 18.55 -15.45 -16.78
N GLU A 867 17.63 -16.14 -17.42
CA GLU A 867 17.54 -16.16 -18.88
C GLU A 867 16.19 -15.64 -19.32
N ILE A 868 16.10 -14.32 -19.49
CA ILE A 868 14.87 -13.67 -19.94
C ILE A 868 15.19 -12.88 -21.20
N LYS A 869 14.33 -13.03 -22.21
CA LYS A 869 14.58 -12.41 -23.51
C LYS A 869 14.17 -10.94 -23.51
N GLU A 870 12.96 -10.64 -23.04
CA GLU A 870 12.48 -9.27 -22.91
C GLU A 870 11.48 -9.19 -21.77
N VAL A 871 11.23 -7.97 -21.32
CA VAL A 871 10.30 -7.71 -20.23
C VAL A 871 9.29 -6.69 -20.76
N GLU A 872 8.17 -7.18 -21.28
CA GLU A 872 7.16 -6.28 -21.80
C GLU A 872 6.46 -5.52 -20.67
N ASN A 873 6.35 -6.13 -19.49
CA ASN A 873 5.76 -5.45 -18.35
C ASN A 873 6.19 -6.16 -17.08
N TYR A 874 5.99 -5.49 -15.95
CA TYR A 874 6.31 -6.07 -14.66
C TYR A 874 5.47 -7.31 -14.39
N PHE A 875 4.26 -7.34 -14.92
CA PHE A 875 3.44 -8.56 -14.85
C PHE A 875 4.14 -9.72 -15.56
N ALA A 876 4.70 -9.45 -16.74
CA ALA A 876 5.44 -10.48 -17.47
C ALA A 876 6.67 -10.92 -16.69
N LEU A 877 7.42 -9.97 -16.12
CA LEU A 877 8.58 -10.35 -15.33
C LEU A 877 8.20 -11.19 -14.13
N TYR A 878 7.15 -10.79 -13.42
CA TYR A 878 6.73 -11.54 -12.24
C TYR A 878 6.31 -12.96 -12.62
N HIS A 879 5.59 -13.11 -13.72
CA HIS A 879 5.18 -14.45 -14.08
C HIS A 879 6.30 -15.27 -14.66
N TYR A 880 7.30 -14.63 -15.28
CA TYR A 880 8.49 -15.36 -15.65
C TYR A 880 9.21 -15.87 -14.40
N LEU A 881 9.32 -15.03 -13.38
CA LEU A 881 9.93 -15.47 -12.13
C LEU A 881 9.15 -16.62 -11.52
N ILE A 882 7.82 -16.52 -11.54
CA ILE A 882 6.97 -17.55 -10.96
C ILE A 882 7.14 -18.86 -11.73
N GLN A 883 7.11 -18.79 -13.06
CA GLN A 883 7.16 -20.01 -13.86
C GLN A 883 8.56 -20.62 -13.84
N LYS A 884 9.60 -19.80 -13.74
CA LYS A 884 10.95 -20.34 -13.56
C LYS A 884 11.08 -21.01 -12.19
N HIS A 885 10.45 -20.43 -11.17
CA HIS A 885 10.44 -21.07 -9.86
C HIS A 885 9.72 -22.41 -9.92
N LEU A 886 8.60 -22.46 -10.65
CA LEU A 886 7.89 -23.72 -10.83
C LEU A 886 8.73 -24.73 -11.59
N GLU A 887 9.44 -24.28 -12.62
CA GLU A 887 10.31 -25.16 -13.39
C GLU A 887 11.43 -25.72 -12.53
N ASN A 888 12.03 -24.89 -11.68
CA ASN A 888 13.14 -25.35 -10.86
C ASN A 888 12.71 -26.43 -9.89
N ARG A 889 11.54 -26.28 -9.27
CA ARG A 889 11.06 -27.30 -8.34
C ARG A 889 10.51 -28.52 -9.06
N PHE A 890 9.96 -28.35 -10.26
CA PHE A 890 9.36 -29.44 -11.00
C PHE A 890 10.24 -29.94 -12.14
N ALA A 891 11.51 -29.56 -12.18
CA ALA A 891 12.40 -30.04 -13.23
C ALA A 891 12.67 -31.54 -13.08
N ASP A 892 12.82 -32.02 -11.85
CA ASP A 892 13.12 -33.42 -11.58
C ASP A 892 11.94 -34.16 -10.95
N LYS A 893 10.72 -33.75 -11.31
CA LYS A 893 9.51 -34.41 -10.85
C LYS A 893 8.57 -34.61 -12.04
N LYS A 894 7.59 -35.50 -11.84
CA LYS A 894 6.61 -35.77 -12.89
C LYS A 894 5.70 -34.56 -13.07
N VAL A 895 5.56 -34.12 -14.31
CA VAL A 895 4.69 -33.01 -14.67
C VAL A 895 3.69 -33.49 -15.71
N GLU A 896 2.45 -33.02 -15.59
CA GLU A 896 1.44 -33.37 -16.57
C GLU A 896 1.86 -32.89 -17.96
N ARG A 897 1.13 -33.36 -18.98
CA ARG A 897 1.47 -32.96 -20.34
C ARG A 897 1.34 -31.46 -20.52
N ASP A 898 0.29 -30.86 -19.94
CA ASP A 898 0.09 -29.42 -20.09
C ASP A 898 1.18 -28.63 -19.38
N THR A 899 1.56 -29.05 -18.18
CA THR A 899 2.65 -28.38 -17.48
C THR A 899 3.96 -28.52 -18.24
N GLY A 900 4.22 -29.70 -18.79
CA GLY A 900 5.41 -29.87 -19.59
C GLY A 900 5.42 -28.97 -20.80
N ASP A 901 4.26 -28.81 -21.45
CA ASP A 901 4.17 -27.90 -22.58
C ASP A 901 4.41 -26.45 -22.16
N PHE A 902 3.88 -26.05 -21.00
CA PHE A 902 4.13 -24.70 -20.50
C PHE A 902 5.61 -24.48 -20.27
N ILE A 903 6.28 -25.42 -19.61
CA ILE A 903 7.70 -25.27 -19.32
C ILE A 903 8.52 -25.29 -20.61
N SER A 904 8.11 -26.10 -21.58
CA SER A 904 8.82 -26.11 -22.86
C SER A 904 8.67 -24.78 -23.59
N LYS A 905 7.46 -24.20 -23.56
CA LYS A 905 7.25 -22.89 -24.15
C LYS A 905 8.01 -21.80 -23.40
N LEU A 906 8.31 -22.01 -22.12
CA LEU A 906 9.18 -21.10 -21.40
C LEU A 906 10.55 -20.96 -22.07
N GLU A 907 11.15 -22.06 -22.50
CA GLU A 907 12.45 -22.00 -23.17
C GLU A 907 12.36 -21.76 -24.68
N GLU A 908 11.31 -22.22 -25.34
CA GLU A 908 11.22 -22.01 -26.79
C GLU A 908 11.32 -20.53 -27.12
N HIS A 909 10.79 -19.67 -26.25
CA HIS A 909 11.02 -18.23 -26.29
C HIS A 909 11.07 -17.76 -24.85
N LYS A 910 12.17 -17.12 -24.46
CA LYS A 910 12.46 -16.90 -23.05
C LYS A 910 11.54 -15.84 -22.45
N THR A 911 10.29 -16.23 -22.16
CA THR A 911 9.31 -15.35 -21.56
C THR A 911 8.30 -16.22 -20.81
N TYR A 912 7.55 -15.59 -19.92
CA TYR A 912 6.53 -16.30 -19.17
C TYR A 912 5.47 -16.87 -20.11
N CYS A 913 4.81 -17.93 -19.66
CA CYS A 913 3.76 -18.56 -20.44
C CYS A 913 2.41 -17.95 -20.12
N LYS A 914 1.82 -17.28 -21.12
CA LYS A 914 0.50 -16.68 -20.98
C LYS A 914 -0.60 -17.73 -20.80
N ASP A 915 -0.29 -19.00 -21.05
CA ASP A 915 -1.23 -20.07 -20.71
C ASP A 915 -0.95 -20.66 -19.34
N PHE A 916 0.32 -20.73 -18.94
CA PHE A 916 0.65 -21.22 -17.61
C PHE A 916 0.10 -20.29 -16.54
N VAL A 917 0.10 -18.99 -16.80
CA VAL A 917 -0.42 -18.06 -15.79
C VAL A 917 -1.89 -18.35 -15.53
N LYS A 918 -2.69 -18.53 -16.58
CA LYS A 918 -4.09 -18.86 -16.38
C LYS A 918 -4.29 -20.30 -15.93
N ALA A 919 -3.30 -21.16 -16.11
CA ALA A 919 -3.39 -22.52 -15.59
C ALA A 919 -3.27 -22.53 -14.08
N TYR A 920 -2.21 -21.94 -13.54
CA TYR A 920 -2.04 -21.94 -12.09
C TYR A 920 -2.83 -20.83 -11.41
N CYS A 921 -3.49 -19.95 -12.16
CA CYS A 921 -4.37 -18.94 -11.59
C CYS A 921 -5.82 -19.42 -11.50
N THR A 922 -6.10 -20.66 -11.87
CA THR A 922 -7.45 -21.18 -11.76
C THR A 922 -8.04 -21.21 -10.35
N PRO A 923 -7.25 -21.33 -9.26
CA PRO A 923 -7.89 -21.34 -7.93
C PRO A 923 -8.78 -20.15 -7.66
N PHE A 924 -8.46 -18.98 -8.22
CA PHE A 924 -9.34 -17.82 -8.15
C PHE A 924 -10.03 -17.56 -9.48
N GLY A 925 -10.28 -18.62 -10.25
CA GLY A 925 -11.07 -18.50 -11.47
C GLY A 925 -12.55 -18.32 -11.20
N TYR A 926 -13.03 -18.72 -10.02
CA TYR A 926 -14.43 -18.52 -9.69
C TYR A 926 -14.79 -17.05 -9.69
N ASN A 927 -13.93 -16.20 -9.15
CA ASN A 927 -14.09 -14.75 -9.23
C ASN A 927 -13.57 -14.35 -10.60
N LEU A 928 -14.48 -14.26 -11.57
CA LEU A 928 -14.09 -14.09 -12.96
C LEU A 928 -13.30 -12.81 -13.17
N VAL A 929 -13.69 -11.73 -12.49
CA VAL A 929 -13.00 -10.46 -12.67
C VAL A 929 -11.55 -10.59 -12.23
N ARG A 930 -11.33 -11.16 -11.05
CA ARG A 930 -9.98 -11.35 -10.53
C ARG A 930 -9.19 -12.30 -11.42
N TYR A 931 -9.81 -13.37 -11.88
CA TYR A 931 -9.13 -14.31 -12.76
C TYR A 931 -8.68 -13.63 -14.04
N LYS A 932 -9.56 -12.85 -14.66
CA LYS A 932 -9.20 -12.16 -15.88
C LYS A 932 -8.08 -11.16 -15.63
N ASN A 933 -8.16 -10.42 -14.52
CA ASN A 933 -7.14 -9.44 -14.21
C ASN A 933 -5.78 -10.10 -13.99
N LEU A 934 -5.75 -11.23 -13.30
CA LEU A 934 -4.51 -11.86 -12.92
C LEU A 934 -3.97 -12.81 -13.98
N THR A 935 -4.75 -13.13 -15.02
CA THR A 935 -4.25 -13.95 -16.11
C THR A 935 -4.06 -13.21 -17.41
N ILE A 936 -4.60 -12.02 -17.58
CA ILE A 936 -4.43 -11.25 -18.80
C ILE A 936 -3.59 -10.01 -18.50
N ASP A 937 -2.49 -9.87 -19.22
CA ASP A 937 -1.70 -8.65 -19.16
C ASP A 937 -2.47 -7.51 -19.81
N GLY A 938 -2.22 -6.31 -19.34
CA GLY A 938 -2.98 -5.14 -19.76
C GLY A 938 -4.19 -4.93 -18.90
N LEU A 939 -4.89 -6.01 -18.56
CA LEU A 939 -5.98 -5.96 -17.61
C LEU A 939 -5.51 -6.19 -16.18
N PHE A 940 -4.21 -6.42 -15.98
CA PHE A 940 -3.70 -6.64 -14.64
C PHE A 940 -3.66 -5.35 -13.85
N ASP A 941 -2.95 -4.34 -14.35
CA ASP A 941 -2.77 -3.08 -13.64
C ASP A 941 -3.62 -1.98 -14.25
N LYS A 942 -4.07 -1.06 -13.40
CA LYS A 942 -4.85 0.07 -13.87
C LYS A 942 -3.96 1.12 -14.52
N ASN A 943 -2.73 1.28 -14.03
CA ASN A 943 -1.87 2.36 -14.49
C ASN A 943 -1.37 2.16 -15.91
N TYR A 944 -1.31 0.93 -16.40
CA TYR A 944 -0.86 0.63 -17.75
C TYR A 944 -1.89 -0.27 -18.42
N PRO A 945 -3.07 0.26 -18.74
CA PRO A 945 -4.13 -0.58 -19.28
C PRO A 945 -3.82 -1.02 -20.70
N GLY A 946 -4.08 -2.29 -20.99
CA GLY A 946 -3.85 -2.86 -22.30
C GLY A 946 -5.06 -3.63 -22.79
N LYS A 947 -4.89 -4.28 -23.93
CA LYS A 947 -5.98 -4.96 -24.60
C LYS A 947 -6.22 -6.34 -24.01
N ASP A 948 -7.49 -6.74 -24.04
CA ASP A 948 -7.87 -8.08 -23.63
C ASP A 948 -7.54 -9.08 -24.73
N ASP A 949 -7.09 -10.27 -24.33
CA ASP A 949 -6.73 -11.33 -25.27
C ASP A 949 -7.87 -12.33 -25.48
N SER A 950 -9.07 -12.03 -24.98
CA SER A 950 -10.24 -12.89 -25.13
C SER A 950 -10.02 -14.24 -24.48
#